data_1Z0Z
#
_entry.id   1Z0Z
#
_cell.length_a   122.408
_cell.length_b   122.408
_cell.length_c   201.869
_cell.angle_alpha   90.00
_cell.angle_beta   90.00
_cell.angle_gamma   90.00
#
_symmetry.space_group_name_H-M   'P 41 21 2'
#
loop_
_entity.id
_entity.type
_entity.pdbx_description
1 polymer 'Probable inorganic polyphosphate/ATP-NAD kinase'
2 non-polymer NICOTINAMIDE-ADENINE-DINUCLEOTIDE
3 water water
#
_entity_poly.entity_id   1
_entity_poly.type   'polypeptide(L)'
_entity_poly.pdbx_seq_one_letter_code
;MGSSHHHHHHDYDIPTTENLYFQGGGGGGMRAAVVYKTDGHVKRIEEALKRLEVEVELFNQPSEELENFDFIVSVGGDGT
ILRILQKLKRCPPIFGINTGRVGLLTHASPENFEVELKKAVEKFEVERFPRVSCSAMPDVLALNEIAVLSRKPAKMIDVA
LRVDGVEVDRIRCDGFIVATQIGSTGYAFSAGGPVVEPYLECFILIPIAPFRFGWKPYVVSMERKIEVIAEKAIVVADGQ
KSVDFDGEITIEKSEFPAVFFKNEKRFRNLFGKVRSIG
;
_entity_poly.pdbx_strand_id   A,B,C,D
#
# COMPACT_ATOMS: atom_id res chain seq x y z
N MET A 30 -44.16 1.24 -25.72
CA MET A 30 -43.21 1.67 -24.66
C MET A 30 -41.89 2.06 -25.36
N ARG A 31 -41.45 3.30 -25.16
CA ARG A 31 -40.34 3.87 -25.94
C ARG A 31 -38.96 3.55 -25.36
N ALA A 32 -37.99 3.38 -26.24
CA ALA A 32 -36.62 3.01 -25.84
C ALA A 32 -35.59 3.66 -26.76
N ALA A 33 -34.50 4.13 -26.18
CA ALA A 33 -33.42 4.78 -26.91
C ALA A 33 -32.17 3.91 -26.94
N VAL A 34 -31.48 3.90 -28.07
CA VAL A 34 -30.26 3.12 -28.21
C VAL A 34 -29.11 4.07 -28.55
N VAL A 35 -28.18 4.22 -27.61
CA VAL A 35 -27.02 5.09 -27.80
C VAL A 35 -25.79 4.23 -28.14
N TYR A 36 -24.97 4.71 -29.09
CA TYR A 36 -23.82 3.94 -29.57
C TYR A 36 -22.60 4.78 -29.99
N LYS A 37 -21.41 4.28 -29.66
CA LYS A 37 -20.12 4.83 -30.13
C LYS A 37 -20.02 4.71 -31.66
N THR A 38 -20.26 3.49 -32.17
CA THR A 38 -20.17 3.16 -33.59
C THR A 38 -21.25 2.14 -34.01
N ASP A 39 -21.29 1.80 -35.30
CA ASP A 39 -22.29 0.87 -35.86
C ASP A 39 -22.23 -0.59 -35.36
N GLY A 40 -21.24 -0.89 -34.50
CA GLY A 40 -20.94 -2.24 -34.05
C GLY A 40 -22.02 -3.29 -34.25
N HIS A 41 -23.01 -3.26 -33.35
CA HIS A 41 -24.01 -4.31 -33.25
C HIS A 41 -25.44 -3.76 -33.26
N VAL A 42 -25.57 -2.49 -33.64
CA VAL A 42 -26.81 -1.75 -33.43
C VAL A 42 -27.99 -2.31 -34.24
N LYS A 43 -27.70 -3.03 -35.33
CA LYS A 43 -28.74 -3.60 -36.18
C LYS A 43 -29.52 -4.72 -35.49
N ARG A 44 -28.80 -5.59 -34.80
CA ARG A 44 -29.43 -6.70 -34.09
C ARG A 44 -30.19 -6.22 -32.84
N ILE A 45 -29.75 -5.12 -32.23
CA ILE A 45 -30.46 -4.54 -31.07
C ILE A 45 -31.75 -3.89 -31.55
N GLU A 46 -31.69 -3.27 -32.72
CA GLU A 46 -32.86 -2.68 -33.37
C GLU A 46 -33.94 -3.73 -33.60
N GLU A 47 -33.49 -4.93 -33.97
CA GLU A 47 -34.40 -6.03 -34.28
C GLU A 47 -34.71 -6.85 -33.04
N ALA A 48 -33.92 -6.64 -31.97
CA ALA A 48 -34.15 -7.30 -30.68
C ALA A 48 -35.29 -6.61 -29.93
N LEU A 49 -35.29 -5.29 -29.99
CA LEU A 49 -36.34 -4.47 -29.39
C LEU A 49 -37.63 -4.51 -30.23
N LYS A 50 -37.50 -4.64 -31.56
CA LYS A 50 -38.68 -4.72 -32.43
C LYS A 50 -39.48 -6.00 -32.11
N ARG A 51 -38.79 -7.11 -31.89
CA ARG A 51 -39.46 -8.37 -31.51
C ARG A 51 -40.27 -8.23 -30.22
N LEU A 52 -39.84 -7.35 -29.32
CA LEU A 52 -40.46 -7.21 -28.00
C LEU A 52 -41.51 -6.11 -27.88
N GLU A 53 -41.97 -5.57 -29.00
CA GLU A 53 -43.01 -4.53 -29.02
C GLU A 53 -42.53 -3.25 -28.32
N VAL A 54 -41.51 -2.63 -28.89
CA VAL A 54 -40.87 -1.44 -28.30
C VAL A 54 -40.51 -0.46 -29.42
N GLU A 55 -40.94 0.80 -29.27
CA GLU A 55 -40.57 1.87 -30.20
C GLU A 55 -39.10 2.19 -30.00
N VAL A 56 -38.38 2.38 -31.10
CA VAL A 56 -36.92 2.58 -31.05
C VAL A 56 -36.48 3.85 -31.79
N GLU A 57 -35.55 4.60 -31.16
CA GLU A 57 -34.89 5.76 -31.78
C GLU A 57 -33.38 5.67 -31.56
N LEU A 58 -32.60 6.10 -32.55
CA LEU A 58 -31.14 5.95 -32.52
C LEU A 58 -30.45 7.24 -32.11
N PHE A 59 -29.29 7.11 -31.46
CA PHE A 59 -28.56 8.25 -30.86
C PHE A 59 -27.03 8.10 -30.96
N ASN A 60 -26.41 8.79 -31.91
CA ASN A 60 -24.93 8.79 -32.02
C ASN A 60 -24.32 9.41 -30.78
N GLN A 61 -24.82 10.58 -30.39
CA GLN A 61 -24.39 11.25 -29.16
C GLN A 61 -25.56 11.35 -28.17
N PRO A 62 -25.26 11.38 -26.87
CA PRO A 62 -26.32 11.52 -25.87
C PRO A 62 -26.84 12.95 -25.81
N SER A 63 -28.15 13.10 -25.62
CA SER A 63 -28.80 14.40 -25.46
C SER A 63 -29.76 14.36 -24.28
N GLU A 64 -30.29 15.53 -23.90
CA GLU A 64 -31.20 15.66 -22.76
C GLU A 64 -32.59 15.12 -23.11
N GLU A 65 -32.78 14.81 -24.40
CA GLU A 65 -33.98 14.16 -24.92
C GLU A 65 -34.11 12.69 -24.49
N LEU A 66 -33.05 12.15 -23.90
CA LEU A 66 -33.07 10.75 -23.51
C LEU A 66 -34.08 10.50 -22.40
N GLU A 67 -34.46 11.53 -21.64
CA GLU A 67 -35.45 11.33 -20.58
C GLU A 67 -36.89 11.50 -21.06
N ASN A 68 -37.11 11.34 -22.36
CA ASN A 68 -38.46 11.19 -22.92
C ASN A 68 -38.74 9.73 -23.28
N PHE A 69 -37.85 8.83 -22.89
CA PHE A 69 -37.99 7.40 -23.20
C PHE A 69 -38.07 6.57 -21.94
N ASP A 70 -38.77 5.45 -22.04
CA ASP A 70 -39.00 4.59 -20.89
C ASP A 70 -37.74 3.89 -20.42
N PHE A 71 -36.90 3.45 -21.36
CA PHE A 71 -35.57 2.96 -21.01
C PHE A 71 -34.53 3.30 -22.06
N ILE A 72 -33.28 2.96 -21.75
CA ILE A 72 -32.13 3.33 -22.56
C ILE A 72 -31.22 2.13 -22.66
N VAL A 73 -30.77 1.82 -23.89
CA VAL A 73 -29.88 0.71 -24.11
C VAL A 73 -28.57 1.28 -24.66
N SER A 74 -27.60 1.45 -23.77
CA SER A 74 -26.29 1.99 -24.09
C SER A 74 -25.38 0.89 -24.64
N VAL A 75 -24.60 1.25 -25.66
CA VAL A 75 -23.79 0.29 -26.42
C VAL A 75 -22.38 0.84 -26.61
N GLY A 76 -21.46 0.31 -25.83
CA GLY A 76 -20.07 0.71 -25.94
C GLY A 76 -19.28 0.28 -24.74
N GLY A 77 -19.77 0.62 -23.55
CA GLY A 77 -19.05 0.32 -22.32
C GLY A 77 -19.37 1.28 -21.18
N ASP A 78 -18.64 1.13 -20.08
CA ASP A 78 -18.79 1.98 -18.89
C ASP A 78 -18.71 3.46 -19.24
N GLY A 79 -17.70 3.81 -20.04
CA GLY A 79 -17.47 5.17 -20.47
C GLY A 79 -18.71 5.74 -21.12
N THR A 80 -19.27 4.97 -22.06
CA THR A 80 -20.51 5.35 -22.73
C THR A 80 -21.66 5.64 -21.74
N ILE A 81 -21.75 4.87 -20.67
CA ILE A 81 -22.81 5.05 -19.68
C ILE A 81 -22.64 6.36 -18.92
N LEU A 82 -21.40 6.73 -18.63
CA LEU A 82 -21.15 7.94 -17.85
C LEU A 82 -21.52 9.18 -18.66
N ARG A 83 -21.30 9.14 -19.98
CA ARG A 83 -21.59 10.26 -20.87
C ARG A 83 -23.10 10.44 -21.05
N ILE A 84 -23.82 9.34 -20.86
CA ILE A 84 -25.29 9.35 -20.94
C ILE A 84 -25.88 10.05 -19.72
N LEU A 85 -25.43 9.61 -18.56
CA LEU A 85 -25.85 10.16 -17.28
C LEU A 85 -25.60 11.66 -17.18
N GLN A 86 -24.57 12.17 -17.86
CA GLN A 86 -24.29 13.62 -17.87
C GLN A 86 -25.36 14.42 -18.59
N LYS A 87 -26.17 13.78 -19.43
CA LYS A 87 -27.29 14.48 -20.07
C LYS A 87 -28.64 14.16 -19.40
N LEU A 88 -28.59 13.57 -18.21
CA LEU A 88 -29.79 13.13 -17.46
C LEU A 88 -29.84 13.64 -16.02
N LYS A 89 -30.94 14.30 -15.67
CA LYS A 89 -31.31 14.46 -14.26
C LYS A 89 -32.22 13.28 -13.92
N ARG A 90 -33.48 13.37 -14.32
CA ARG A 90 -34.38 12.22 -14.26
C ARG A 90 -33.81 11.14 -15.18
N CYS A 91 -33.52 9.98 -14.62
CA CYS A 91 -32.78 8.93 -15.31
C CYS A 91 -33.68 7.75 -15.62
N PRO A 92 -34.07 7.58 -16.89
CA PRO A 92 -34.78 6.35 -17.28
C PRO A 92 -33.83 5.16 -17.20
N PRO A 93 -34.33 4.00 -16.77
CA PRO A 93 -33.51 2.80 -16.61
C PRO A 93 -32.53 2.55 -17.73
N ILE A 94 -31.28 2.23 -17.40
CA ILE A 94 -30.25 1.96 -18.40
C ILE A 94 -29.89 0.48 -18.45
N PHE A 95 -30.12 -0.14 -19.59
CA PHE A 95 -29.50 -1.40 -19.94
C PHE A 95 -28.19 -1.06 -20.62
N GLY A 96 -27.21 -1.94 -20.54
CA GLY A 96 -25.85 -1.61 -20.92
C GLY A 96 -25.16 -2.77 -21.60
N ILE A 97 -25.25 -2.82 -22.93
CA ILE A 97 -24.40 -3.70 -23.71
C ILE A 97 -22.97 -3.15 -23.69
N ASN A 98 -22.01 -4.06 -23.51
CA ASN A 98 -20.58 -3.76 -23.43
C ASN A 98 -19.87 -4.33 -24.66
N THR A 99 -19.26 -3.46 -25.44
CA THR A 99 -18.51 -3.86 -26.63
C THR A 99 -17.13 -4.41 -26.26
N GLY A 100 -16.32 -3.63 -25.56
CA GLY A 100 -14.95 -4.01 -25.28
C GLY A 100 -14.06 -5.17 -24.80
N ARG A 101 -13.96 -5.32 -23.48
CA ARG A 101 -13.35 -6.48 -22.80
C ARG A 101 -14.11 -6.42 -21.44
N VAL A 102 -14.01 -5.31 -20.69
CA VAL A 102 -14.54 -5.26 -19.31
C VAL A 102 -15.52 -4.11 -19.07
N GLY A 103 -16.42 -4.29 -18.09
CA GLY A 103 -17.35 -3.24 -17.66
C GLY A 103 -18.19 -3.59 -16.42
N LEU A 104 -18.10 -2.74 -15.39
CA LEU A 104 -18.78 -2.94 -14.10
C LEU A 104 -20.23 -2.39 -14.03
N LEU A 105 -20.53 -1.36 -14.82
CA LEU A 105 -21.86 -0.75 -14.76
C LEU A 105 -22.84 -1.43 -15.71
N THR A 106 -22.31 -2.31 -16.56
CA THR A 106 -23.05 -2.87 -17.70
C THR A 106 -23.81 -4.15 -17.34
N HIS A 107 -24.61 -4.64 -18.28
CA HIS A 107 -25.51 -5.76 -18.05
C HIS A 107 -25.22 -6.97 -18.91
N ALA A 108 -24.83 -6.76 -20.16
CA ALA A 108 -24.65 -7.88 -21.09
C ALA A 108 -23.51 -7.69 -22.08
N SER A 109 -23.36 -8.65 -22.99
CA SER A 109 -22.45 -8.52 -24.14
C SER A 109 -23.23 -8.81 -25.41
N PRO A 110 -22.61 -8.61 -26.59
CA PRO A 110 -23.26 -8.97 -27.87
C PRO A 110 -23.51 -10.48 -28.02
N GLU A 111 -22.59 -11.28 -27.47
CA GLU A 111 -22.71 -12.74 -27.45
C GLU A 111 -24.08 -13.22 -26.92
N ASN A 112 -24.62 -12.51 -25.93
CA ASN A 112 -25.82 -12.96 -25.22
C ASN A 112 -26.83 -11.86 -24.83
N PHE A 113 -26.83 -10.70 -25.48
CA PHE A 113 -27.70 -9.60 -25.05
C PHE A 113 -29.17 -9.85 -25.40
N GLU A 114 -29.41 -10.56 -26.51
CA GLU A 114 -30.78 -10.84 -26.97
C GLU A 114 -31.60 -11.52 -25.88
N VAL A 115 -30.94 -12.39 -25.13
CA VAL A 115 -31.56 -13.09 -24.00
C VAL A 115 -31.76 -12.14 -22.80
N GLU A 116 -30.71 -11.42 -22.43
CA GLU A 116 -30.73 -10.62 -21.21
C GLU A 116 -31.61 -9.36 -21.32
N LEU A 117 -31.87 -8.92 -22.55
CA LEU A 117 -32.75 -7.78 -22.81
C LEU A 117 -34.21 -8.20 -22.66
N LYS A 118 -34.53 -9.38 -23.21
CA LYS A 118 -35.85 -9.99 -23.07
C LYS A 118 -36.26 -10.08 -21.60
N LYS A 119 -35.31 -10.45 -20.73
CA LYS A 119 -35.53 -10.52 -19.29
C LYS A 119 -35.70 -9.12 -18.71
N ALA A 120 -34.83 -8.21 -19.13
CA ALA A 120 -34.73 -6.88 -18.52
C ALA A 120 -36.01 -6.12 -18.64
N VAL A 121 -36.54 -6.09 -19.84
CA VAL A 121 -37.74 -5.35 -20.16
C VAL A 121 -39.02 -6.03 -19.61
N GLU A 122 -39.02 -7.36 -19.55
CA GLU A 122 -40.23 -8.11 -19.20
C GLU A 122 -40.56 -8.00 -17.71
N LYS A 123 -39.53 -8.05 -16.87
CA LYS A 123 -39.70 -7.90 -15.44
C LYS A 123 -39.87 -6.42 -15.14
N PHE A 124 -39.02 -5.62 -15.76
CA PHE A 124 -38.90 -4.20 -15.46
C PHE A 124 -38.56 -3.89 -13.99
N GLU A 125 -37.61 -4.64 -13.44
CA GLU A 125 -37.09 -4.37 -12.11
C GLU A 125 -35.85 -3.47 -12.23
N VAL A 126 -35.70 -2.53 -11.30
CA VAL A 126 -34.65 -1.50 -11.38
C VAL A 126 -33.93 -1.34 -10.05
N GLU A 127 -32.70 -0.81 -10.11
CA GLU A 127 -31.95 -0.36 -8.92
C GLU A 127 -31.47 1.06 -9.12
N ARG A 128 -31.13 1.71 -8.02
CA ARG A 128 -30.73 3.12 -8.09
C ARG A 128 -29.51 3.38 -7.23
N PHE A 129 -28.46 3.97 -7.81
CA PHE A 129 -27.24 4.33 -7.09
C PHE A 129 -27.12 5.85 -7.05
N PRO A 130 -26.85 6.43 -5.88
CA PRO A 130 -26.85 7.89 -5.73
C PRO A 130 -25.84 8.60 -6.62
N ARG A 131 -26.14 9.85 -6.93
CA ARG A 131 -25.23 10.68 -7.69
C ARG A 131 -24.97 11.95 -6.85
N VAL A 132 -23.69 12.27 -6.65
CA VAL A 132 -23.29 13.42 -5.86
C VAL A 132 -23.18 14.66 -6.74
N SER A 133 -22.98 15.82 -6.12
CA SER A 133 -22.93 17.06 -6.87
C SER A 133 -21.93 18.02 -6.25
N CYS A 134 -21.18 18.69 -7.11
CA CYS A 134 -20.23 19.69 -6.70
C CYS A 134 -20.93 20.99 -6.52
N SER A 135 -20.36 21.88 -5.71
CA SER A 135 -20.97 23.17 -5.50
C SER A 135 -20.49 24.14 -6.55
N ALA A 136 -19.27 23.96 -7.05
CA ALA A 136 -18.71 24.85 -8.08
C ALA A 136 -19.13 24.45 -9.50
N MET A 137 -19.65 23.23 -9.67
CA MET A 137 -20.18 22.75 -10.95
C MET A 137 -21.65 22.39 -10.72
N PRO A 138 -22.52 23.39 -10.82
CA PRO A 138 -23.78 23.39 -10.06
C PRO A 138 -24.76 22.28 -10.42
N ASP A 139 -25.10 22.17 -11.72
CA ASP A 139 -25.86 21.02 -12.19
C ASP A 139 -25.15 20.07 -13.15
N VAL A 140 -24.27 19.21 -12.63
CA VAL A 140 -23.63 18.16 -13.45
C VAL A 140 -23.50 17.28 -12.19
N LEU A 141 -23.83 16.02 -12.36
CA LEU A 141 -23.78 15.05 -11.29
C LEU A 141 -22.80 13.92 -11.62
N ALA A 142 -22.28 13.31 -10.56
CA ALA A 142 -21.27 12.27 -10.65
C ALA A 142 -21.75 10.95 -10.00
N LEU A 143 -21.50 9.86 -10.71
CA LEU A 143 -21.82 8.51 -10.25
C LEU A 143 -20.58 7.89 -9.62
N ASN A 144 -19.44 8.16 -10.22
CA ASN A 144 -18.16 7.61 -9.81
C ASN A 144 -17.49 8.46 -8.75
N GLU A 145 -17.11 9.69 -9.11
CA GLU A 145 -16.48 10.62 -8.17
C GLU A 145 -16.44 12.08 -8.60
N ILE A 146 -15.96 12.90 -7.67
CA ILE A 146 -15.63 14.28 -7.91
C ILE A 146 -14.17 14.39 -7.55
N ALA A 147 -13.29 14.29 -8.53
CA ALA A 147 -11.88 14.38 -8.27
C ALA A 147 -11.48 15.84 -8.21
N VAL A 148 -10.42 16.14 -7.46
CA VAL A 148 -9.90 17.49 -7.31
C VAL A 148 -8.41 17.45 -7.61
N LEU A 149 -8.04 17.83 -8.83
CA LEU A 149 -6.66 17.67 -9.30
C LEU A 149 -5.88 18.97 -9.44
N SER A 150 -4.58 18.84 -9.66
CA SER A 150 -3.73 19.99 -9.88
C SER A 150 -3.99 20.55 -11.29
N ARG A 151 -4.08 21.86 -11.40
CA ARG A 151 -4.29 22.51 -12.69
C ARG A 151 -3.11 22.28 -13.63
N LYS A 152 -1.89 22.45 -13.11
CA LYS A 152 -0.67 22.13 -13.85
C LYS A 152 -0.29 20.67 -13.55
N PRO A 153 0.11 19.90 -14.57
CA PRO A 153 0.55 18.53 -14.33
C PRO A 153 1.88 18.52 -13.59
N ALA A 154 2.17 17.45 -12.87
CA ALA A 154 3.44 17.32 -12.19
C ALA A 154 3.66 18.42 -11.15
N LYS A 155 2.64 19.24 -10.90
CA LYS A 155 2.67 20.14 -9.77
C LYS A 155 1.74 19.60 -8.67
N MET A 156 2.03 20.01 -7.44
CA MET A 156 1.44 19.47 -6.24
C MET A 156 0.54 20.55 -5.62
N ILE A 157 -0.71 20.21 -5.30
CA ILE A 157 -1.60 21.16 -4.61
C ILE A 157 -1.69 20.87 -3.12
N ASP A 158 -2.22 21.82 -2.38
CA ASP A 158 -2.34 21.74 -0.92
C ASP A 158 -3.80 21.64 -0.49
N VAL A 159 -4.23 20.41 -0.19
CA VAL A 159 -5.64 20.08 0.03
C VAL A 159 -6.01 19.98 1.50
N ALA A 160 -7.05 20.71 1.89
CA ALA A 160 -7.63 20.61 3.22
C ALA A 160 -9.03 20.07 3.09
N LEU A 161 -9.30 18.97 3.79
CA LEU A 161 -10.59 18.29 3.77
C LEU A 161 -11.35 18.49 5.09
N ARG A 162 -12.64 18.81 5.03
CA ARG A 162 -13.48 18.69 6.22
C ARG A 162 -14.86 18.16 5.88
N VAL A 163 -15.37 17.24 6.69
CA VAL A 163 -16.73 16.74 6.52
C VAL A 163 -17.58 17.03 7.77
N ASP A 164 -18.83 17.44 7.51
CA ASP A 164 -19.76 17.87 8.54
C ASP A 164 -19.16 18.87 9.55
N GLY A 165 -18.27 19.72 9.05
CA GLY A 165 -17.66 20.79 9.83
C GLY A 165 -16.27 20.47 10.35
N VAL A 166 -16.03 19.19 10.66
CA VAL A 166 -14.84 18.79 11.40
C VAL A 166 -13.62 18.71 10.47
N GLU A 167 -12.50 19.25 10.91
CA GLU A 167 -11.26 19.21 10.14
C GLU A 167 -10.75 17.77 10.03
N VAL A 168 -10.98 17.12 8.89
CA VAL A 168 -10.56 15.73 8.71
C VAL A 168 -9.10 15.54 8.36
N ASP A 169 -8.53 16.45 7.58
CA ASP A 169 -7.15 16.30 7.10
C ASP A 169 -6.62 17.54 6.41
N ARG A 170 -5.32 17.50 6.14
CA ARG A 170 -4.66 18.50 5.31
C ARG A 170 -3.37 17.85 4.80
N ILE A 171 -3.10 18.02 3.53
CA ILE A 171 -2.17 17.14 2.83
C ILE A 171 -1.84 17.70 1.47
N ARG A 172 -0.58 17.56 1.08
CA ARG A 172 -0.13 17.88 -0.25
C ARG A 172 -0.13 16.62 -1.10
N CYS A 173 -0.55 16.76 -2.35
CA CYS A 173 -0.87 15.64 -3.21
C CYS A 173 -1.05 16.14 -4.63
N ASP A 174 -1.00 15.24 -5.60
CA ASP A 174 -1.36 15.60 -6.97
C ASP A 174 -2.85 15.86 -7.09
N GLY A 175 -3.65 15.25 -6.21
CA GLY A 175 -5.09 15.44 -6.21
C GLY A 175 -5.83 14.77 -5.06
N PHE A 176 -7.15 14.96 -4.99
CA PHE A 176 -8.00 14.31 -3.98
C PHE A 176 -9.32 13.83 -4.59
N ILE A 177 -9.71 12.61 -4.22
CA ILE A 177 -10.89 11.97 -4.78
C ILE A 177 -12.01 11.88 -3.77
N VAL A 178 -13.23 12.21 -4.21
CA VAL A 178 -14.42 12.03 -3.40
C VAL A 178 -15.39 11.10 -4.15
N ALA A 179 -15.17 9.79 -4.01
CA ALA A 179 -15.89 8.78 -4.80
C ALA A 179 -17.06 8.13 -4.06
N THR A 180 -18.12 7.77 -4.80
CA THR A 180 -19.13 6.85 -4.28
C THR A 180 -18.58 5.43 -4.39
N GLN A 181 -19.36 4.48 -3.86
CA GLN A 181 -18.97 3.08 -3.86
C GLN A 181 -18.90 2.49 -5.27
N ILE A 182 -19.71 3.05 -6.16
CA ILE A 182 -19.70 2.63 -7.57
C ILE A 182 -18.35 2.96 -8.18
N GLY A 183 -17.84 4.15 -7.84
CA GLY A 183 -16.56 4.62 -8.31
C GLY A 183 -15.40 4.23 -7.43
N SER A 184 -15.61 3.27 -6.52
CA SER A 184 -14.52 2.73 -5.71
C SER A 184 -13.65 1.82 -6.55
N THR A 185 -14.17 1.48 -7.74
CA THR A 185 -13.48 0.60 -8.69
C THR A 185 -12.77 1.37 -9.83
N GLY A 186 -12.82 2.71 -9.78
CA GLY A 186 -12.17 3.56 -10.78
C GLY A 186 -10.93 4.28 -10.27
N TYR A 187 -10.89 5.60 -10.38
CA TYR A 187 -9.73 6.40 -9.92
C TYR A 187 -9.31 5.99 -8.51
N ALA A 188 -10.30 5.93 -7.61
CA ALA A 188 -10.12 5.58 -6.22
C ALA A 188 -9.32 4.28 -6.05
N PHE A 189 -9.74 3.25 -6.78
CA PHE A 189 -9.03 1.98 -6.87
C PHE A 189 -7.54 2.21 -7.18
N SER A 190 -7.28 3.07 -8.17
CA SER A 190 -5.91 3.40 -8.61
C SER A 190 -5.06 4.19 -7.59
N ALA A 191 -5.69 4.84 -6.64
CA ALA A 191 -4.99 5.59 -5.62
C ALA A 191 -4.73 4.75 -4.38
N GLY A 192 -5.27 3.52 -4.38
CA GLY A 192 -5.07 2.57 -3.31
C GLY A 192 -6.32 2.25 -2.51
N GLY A 193 -7.47 2.53 -3.07
CA GLY A 193 -8.72 2.52 -2.32
C GLY A 193 -9.27 1.12 -2.13
N PRO A 194 -10.17 0.95 -1.17
CA PRO A 194 -10.81 -0.34 -0.96
C PRO A 194 -11.87 -0.55 -2.03
N VAL A 195 -12.07 -1.82 -2.39
CA VAL A 195 -13.17 -2.23 -3.25
C VAL A 195 -14.42 -2.33 -2.39
N VAL A 196 -15.36 -1.42 -2.58
CA VAL A 196 -16.61 -1.38 -1.82
C VAL A 196 -17.77 -1.86 -2.70
N GLU A 197 -18.45 -2.92 -2.27
CA GLU A 197 -19.54 -3.48 -3.04
C GLU A 197 -20.58 -2.40 -3.35
N PRO A 198 -21.29 -2.52 -4.47
CA PRO A 198 -22.09 -1.40 -4.97
C PRO A 198 -23.28 -1.04 -4.09
N TYR A 199 -23.68 -1.92 -3.18
CA TYR A 199 -24.92 -1.69 -2.46
C TYR A 199 -24.70 -0.92 -1.18
N LEU A 200 -23.56 -1.11 -0.55
CA LEU A 200 -23.22 -0.33 0.64
C LEU A 200 -22.90 1.12 0.25
N GLU A 201 -23.64 2.06 0.83
CA GLU A 201 -23.72 3.44 0.30
C GLU A 201 -22.83 4.45 1.04
N CYS A 202 -21.68 4.79 0.44
CA CYS A 202 -20.64 5.53 1.16
C CYS A 202 -19.74 6.42 0.28
N PHE A 203 -19.14 7.44 0.89
CA PHE A 203 -18.00 8.15 0.29
C PHE A 203 -16.70 7.40 0.61
N ILE A 204 -15.75 7.47 -0.30
CA ILE A 204 -14.38 7.05 -0.10
C ILE A 204 -13.54 8.31 -0.34
N LEU A 205 -12.75 8.70 0.64
CA LEU A 205 -11.92 9.90 0.56
C LEU A 205 -10.44 9.49 0.52
N ILE A 206 -9.79 9.80 -0.60
CA ILE A 206 -8.43 9.31 -0.80
C ILE A 206 -7.61 10.30 -1.59
N PRO A 207 -6.35 10.52 -1.21
CA PRO A 207 -5.44 11.37 -1.97
C PRO A 207 -4.76 10.64 -3.10
N ILE A 208 -4.22 11.41 -4.02
CA ILE A 208 -3.41 10.90 -5.11
C ILE A 208 -1.96 11.39 -4.90
N ALA A 209 -1.02 10.45 -4.87
CA ALA A 209 0.38 10.75 -4.57
C ALA A 209 0.53 11.74 -3.42
N PRO A 210 0.06 11.36 -2.24
CA PRO A 210 0.26 12.19 -1.04
C PRO A 210 1.72 12.22 -0.58
N PHE A 211 2.25 13.41 -0.29
CA PHE A 211 3.63 13.57 0.17
C PHE A 211 3.59 13.70 1.68
N ARG A 212 3.38 12.56 2.33
CA ARG A 212 3.37 12.44 3.80
C ARG A 212 3.70 11.00 4.24
N PHE A 213 4.36 10.85 5.39
CA PHE A 213 4.78 9.53 5.85
C PHE A 213 3.61 8.51 5.86
N GLY A 214 2.58 8.81 6.63
CA GLY A 214 1.41 7.95 6.70
C GLY A 214 0.16 8.64 6.18
N TRP A 215 -0.74 7.83 5.62
CA TRP A 215 -2.06 8.30 5.18
C TRP A 215 -2.97 7.07 5.02
N LYS A 216 -4.28 7.28 5.12
CA LYS A 216 -5.24 6.18 5.04
C LYS A 216 -6.53 6.67 4.37
N PRO A 217 -7.12 5.86 3.47
CA PRO A 217 -8.46 6.12 2.95
C PRO A 217 -9.49 6.23 4.05
N TYR A 218 -10.45 7.15 3.86
CA TYR A 218 -11.52 7.39 4.82
C TYR A 218 -12.84 7.04 4.19
N VAL A 219 -13.48 5.98 4.66
CA VAL A 219 -14.81 5.64 4.19
C VAL A 219 -15.84 6.23 5.14
N VAL A 220 -16.80 6.99 4.61
CA VAL A 220 -17.85 7.61 5.44
C VAL A 220 -19.24 7.53 4.80
N SER A 221 -20.29 7.79 5.57
CA SER A 221 -21.68 7.67 5.08
C SER A 221 -21.97 8.76 4.06
N MET A 222 -22.72 8.42 3.01
CA MET A 222 -22.98 9.39 1.95
C MET A 222 -24.01 10.47 2.35
N GLU A 223 -24.48 10.38 3.60
CA GLU A 223 -25.29 11.43 4.23
C GLU A 223 -24.50 12.66 4.71
N ARG A 224 -23.18 12.56 4.75
CA ARG A 224 -22.38 13.70 5.19
C ARG A 224 -22.15 14.73 4.06
N LYS A 225 -21.60 15.88 4.46
CA LYS A 225 -21.34 17.01 3.59
C LYS A 225 -19.80 17.17 3.49
N ILE A 226 -19.23 16.77 2.36
CA ILE A 226 -17.79 16.86 2.13
C ILE A 226 -17.42 18.28 1.69
N GLU A 227 -16.22 18.73 2.02
CA GLU A 227 -15.71 20.03 1.59
C GLU A 227 -14.24 19.92 1.26
N VAL A 228 -13.83 20.30 0.05
CA VAL A 228 -12.41 20.42 -0.25
C VAL A 228 -12.01 21.89 -0.44
N ILE A 229 -10.80 22.22 0.02
CA ILE A 229 -10.27 23.60 -0.02
C ILE A 229 -8.87 23.57 -0.59
N ALA A 230 -8.71 24.07 -1.82
CA ALA A 230 -7.40 24.10 -2.46
C ALA A 230 -7.25 25.28 -3.40
N GLU A 231 -6.06 25.86 -3.48
CA GLU A 231 -5.74 26.88 -4.49
C GLU A 231 -5.23 26.22 -5.78
N LYS A 232 -5.31 26.95 -6.89
CA LYS A 232 -4.76 26.50 -8.18
C LYS A 232 -5.13 25.04 -8.51
N ALA A 233 -6.42 24.77 -8.65
CA ALA A 233 -6.93 23.40 -8.76
C ALA A 233 -7.95 23.24 -9.90
N ILE A 234 -8.54 22.04 -9.97
CA ILE A 234 -9.54 21.68 -10.97
C ILE A 234 -10.53 20.70 -10.33
N VAL A 235 -11.73 20.61 -10.86
CA VAL A 235 -12.70 19.65 -10.33
C VAL A 235 -13.30 18.88 -11.48
N VAL A 236 -13.36 17.55 -11.34
CA VAL A 236 -13.81 16.72 -12.42
C VAL A 236 -14.84 15.70 -11.94
N ALA A 237 -16.06 15.84 -12.46
CA ALA A 237 -17.12 14.83 -12.31
C ALA A 237 -16.99 13.73 -13.37
N ASP A 238 -16.88 12.48 -12.91
CA ASP A 238 -16.72 11.27 -13.75
C ASP A 238 -15.82 11.38 -14.98
N GLY A 239 -14.78 12.21 -14.91
CA GLY A 239 -13.87 12.42 -16.03
C GLY A 239 -14.55 12.95 -17.27
N GLN A 240 -15.28 14.06 -17.14
CA GLN A 240 -16.20 14.51 -18.18
C GLN A 240 -16.45 16.01 -18.18
N LYS A 241 -16.91 16.57 -17.07
CA LYS A 241 -17.01 18.02 -16.94
C LYS A 241 -16.03 18.47 -15.89
N SER A 242 -15.10 19.33 -16.27
CA SER A 242 -14.17 19.93 -15.32
C SER A 242 -14.16 21.47 -15.41
N VAL A 243 -14.09 22.11 -14.25
CA VAL A 243 -13.95 23.56 -14.13
C VAL A 243 -12.77 23.95 -13.23
N ASP A 244 -12.17 25.12 -13.43
CA ASP A 244 -11.15 25.65 -12.52
C ASP A 244 -11.83 26.19 -11.27
N PHE A 245 -11.10 26.16 -10.15
CA PHE A 245 -11.58 26.78 -8.93
C PHE A 245 -10.43 26.99 -7.98
N ASP A 246 -10.42 28.15 -7.33
CA ASP A 246 -9.62 28.36 -6.13
C ASP A 246 -10.59 28.49 -4.97
N GLY A 247 -10.10 28.34 -3.75
CA GLY A 247 -10.96 28.41 -2.59
C GLY A 247 -11.56 27.06 -2.27
N GLU A 248 -12.88 26.99 -2.11
CA GLU A 248 -13.50 25.77 -1.60
C GLU A 248 -14.77 25.33 -2.30
N ILE A 249 -15.04 24.03 -2.21
CA ILE A 249 -16.18 23.42 -2.88
C ILE A 249 -16.88 22.45 -1.95
N THR A 250 -18.18 22.27 -2.16
CA THR A 250 -18.98 21.37 -1.37
C THR A 250 -19.56 20.27 -2.26
N ILE A 251 -19.49 19.04 -1.76
CA ILE A 251 -19.89 17.85 -2.49
C ILE A 251 -20.86 17.11 -1.60
N GLU A 252 -22.08 16.89 -2.05
CA GLU A 252 -23.03 16.09 -1.27
C GLU A 252 -23.92 15.20 -2.15
N LYS A 253 -24.68 14.30 -1.53
CA LYS A 253 -25.62 13.42 -2.25
C LYS A 253 -26.74 14.25 -2.85
N SER A 254 -27.12 13.93 -4.09
CA SER A 254 -28.16 14.67 -4.80
C SER A 254 -29.50 13.93 -4.82
N GLU A 255 -30.50 14.54 -5.43
CA GLU A 255 -31.86 14.01 -5.45
C GLU A 255 -32.12 13.02 -6.58
N PHE A 256 -31.19 12.96 -7.55
CA PHE A 256 -31.36 12.25 -8.83
C PHE A 256 -30.33 11.13 -9.00
N PRO A 257 -30.67 9.90 -8.63
CA PRO A 257 -29.75 8.77 -8.82
C PRO A 257 -29.64 8.27 -10.26
N ALA A 258 -28.79 7.27 -10.45
CA ALA A 258 -28.62 6.62 -11.74
C ALA A 258 -29.42 5.34 -11.68
N VAL A 259 -30.29 5.16 -12.66
CA VAL A 259 -31.18 4.02 -12.65
C VAL A 259 -30.72 3.06 -13.70
N PHE A 260 -30.53 1.80 -13.28
CA PHE A 260 -30.15 0.73 -14.19
C PHE A 260 -31.25 -0.33 -14.36
N PHE A 261 -30.98 -1.58 -14.04
CA PHE A 261 -31.94 -2.64 -14.33
C PHE A 261 -31.43 -3.72 -13.37
N LYS A 262 -32.27 -4.18 -12.44
CA LYS A 262 -31.76 -5.08 -11.41
C LYS A 262 -30.89 -6.11 -12.11
N ASN A 263 -29.59 -6.05 -11.81
CA ASN A 263 -28.62 -7.01 -12.29
C ASN A 263 -28.45 -7.95 -11.11
N GLU A 264 -29.14 -9.10 -11.16
CA GLU A 264 -29.17 -10.00 -10.01
C GLU A 264 -27.73 -10.44 -9.60
N LYS A 265 -26.86 -10.64 -10.58
CA LYS A 265 -25.50 -11.12 -10.36
C LYS A 265 -24.48 -10.00 -10.06
N ARG A 266 -24.91 -8.74 -10.02
CA ARG A 266 -24.01 -7.58 -9.79
C ARG A 266 -22.99 -7.85 -8.69
N PHE A 267 -23.48 -8.33 -7.54
CA PHE A 267 -22.61 -8.60 -6.42
C PHE A 267 -21.60 -9.71 -6.72
N ARG A 268 -22.08 -10.87 -7.17
CA ARG A 268 -21.16 -12.01 -7.39
C ARG A 268 -20.13 -11.78 -8.49
N ASN A 269 -20.47 -10.95 -9.46
CA ASN A 269 -19.57 -10.57 -10.55
C ASN A 269 -18.53 -9.51 -10.13
N LEU A 270 -18.83 -8.74 -9.08
CA LEU A 270 -17.90 -7.73 -8.56
C LEU A 270 -16.45 -8.23 -8.33
N PHE A 271 -16.30 -9.41 -7.74
CA PHE A 271 -14.96 -9.92 -7.40
C PHE A 271 -14.47 -10.80 -8.53
N GLY A 272 -13.93 -10.21 -9.57
CA GLY A 272 -13.59 -10.95 -10.78
C GLY A 272 -13.47 -10.00 -11.93
N LYS A 273 -14.45 -9.10 -12.05
CA LYS A 273 -14.29 -7.93 -12.90
C LYS A 273 -13.16 -7.12 -12.31
N VAL A 274 -13.19 -6.98 -10.98
CA VAL A 274 -12.14 -6.32 -10.19
C VAL A 274 -10.79 -7.03 -10.30
N ARG A 275 -10.77 -8.36 -10.22
CA ARG A 275 -9.50 -9.11 -10.36
C ARG A 275 -8.80 -8.82 -11.70
N SER A 276 -9.55 -8.39 -12.71
CA SER A 276 -9.01 -8.21 -14.06
C SER A 276 -9.12 -6.78 -14.64
N ILE A 277 -8.77 -5.77 -13.83
CA ILE A 277 -8.71 -4.38 -14.30
C ILE A 277 -7.33 -4.10 -14.92
N GLY A 278 -7.30 -3.60 -16.16
CA GLY A 278 -6.06 -3.32 -16.88
C GLY A 278 -4.99 -4.43 -17.05
N MET B 30 -29.64 2.96 41.68
CA MET B 30 -28.62 3.01 40.58
C MET B 30 -27.21 2.68 41.09
N ARG B 31 -26.78 1.42 40.89
CA ARG B 31 -25.41 1.00 41.22
C ARG B 31 -24.54 0.80 39.96
N ALA B 32 -23.24 0.63 40.15
CA ALA B 32 -22.27 0.70 39.06
C ALA B 32 -21.06 -0.21 39.29
N ALA B 33 -20.44 -0.69 38.19
CA ALA B 33 -19.23 -1.53 38.25
C ALA B 33 -18.03 -0.75 37.74
N VAL B 34 -16.91 -0.82 38.46
CA VAL B 34 -15.73 -0.04 38.13
C VAL B 34 -14.52 -0.94 37.86
N VAL B 35 -14.39 -1.41 36.62
CA VAL B 35 -13.39 -2.41 36.25
C VAL B 35 -12.02 -1.80 35.99
N TYR B 36 -10.95 -2.47 36.42
CA TYR B 36 -9.60 -1.92 36.31
C TYR B 36 -8.49 -3.00 36.21
N LYS B 37 -7.39 -2.68 35.54
CA LYS B 37 -6.21 -3.57 35.50
C LYS B 37 -5.34 -3.14 36.65
N THR B 38 -4.60 -2.04 36.51
CA THR B 38 -3.82 -1.52 37.63
C THR B 38 -4.61 -0.47 38.39
N ASP B 39 -4.13 -0.13 39.60
CA ASP B 39 -4.82 0.74 40.54
C ASP B 39 -4.70 2.20 40.08
N GLY B 40 -5.38 2.50 38.97
CA GLY B 40 -5.20 3.74 38.24
C GLY B 40 -5.71 4.90 39.05
N HIS B 41 -6.71 5.59 38.53
CA HIS B 41 -7.21 6.76 39.18
C HIS B 41 -8.48 6.36 39.93
N VAL B 42 -8.45 5.18 40.53
CA VAL B 42 -9.65 4.48 40.98
C VAL B 42 -10.17 5.06 42.32
N LYS B 43 -9.26 5.53 43.16
CA LYS B 43 -9.66 6.27 44.36
C LYS B 43 -10.55 7.45 43.94
N ARG B 44 -10.13 8.12 42.87
CA ARG B 44 -10.79 9.32 42.36
C ARG B 44 -12.10 9.00 41.65
N ILE B 45 -12.16 7.85 40.96
CA ILE B 45 -13.36 7.47 40.19
C ILE B 45 -14.47 6.99 41.12
N GLU B 46 -14.09 6.33 42.21
CA GLU B 46 -14.99 6.03 43.31
C GLU B 46 -15.61 7.30 43.86
N GLU B 47 -14.75 8.30 44.10
CA GLU B 47 -15.15 9.51 44.81
C GLU B 47 -16.01 10.42 43.95
N ALA B 48 -15.88 10.31 42.64
CA ALA B 48 -16.73 11.07 41.71
C ALA B 48 -18.08 10.38 41.54
N LEU B 49 -18.07 9.05 41.61
CA LEU B 49 -19.29 8.24 41.47
C LEU B 49 -20.13 8.34 42.74
N LYS B 50 -19.46 8.41 43.88
CA LYS B 50 -20.12 8.55 45.16
C LYS B 50 -20.82 9.90 45.21
N ARG B 51 -20.16 10.93 44.68
CA ARG B 51 -20.69 12.29 44.74
C ARG B 51 -21.84 12.51 43.79
N LEU B 52 -21.97 11.66 42.79
CA LEU B 52 -23.11 11.68 41.87
C LEU B 52 -24.20 10.73 42.39
N GLU B 53 -24.07 10.36 43.67
CA GLU B 53 -24.89 9.36 44.34
C GLU B 53 -25.14 8.10 43.53
N VAL B 54 -24.06 7.34 43.34
CA VAL B 54 -24.06 6.07 42.61
C VAL B 54 -23.30 5.05 43.46
N GLU B 55 -23.93 3.91 43.72
CA GLU B 55 -23.27 2.80 44.41
C GLU B 55 -22.16 2.18 43.52
N VAL B 56 -21.08 1.75 44.16
CA VAL B 56 -19.87 1.30 43.47
C VAL B 56 -19.42 -0.09 43.93
N GLU B 57 -19.14 -0.97 42.97
CA GLU B 57 -18.54 -2.27 43.24
C GLU B 57 -17.28 -2.39 42.39
N LEU B 58 -16.13 -2.54 43.03
CA LEU B 58 -14.86 -2.53 42.31
C LEU B 58 -14.60 -3.90 41.75
N PHE B 59 -14.01 -3.97 40.57
CA PHE B 59 -13.73 -5.25 39.93
C PHE B 59 -12.28 -5.35 39.52
N ASN B 60 -11.58 -6.18 40.26
CA ASN B 60 -10.18 -6.49 40.09
C ASN B 60 -9.83 -6.98 38.69
N GLN B 61 -10.79 -7.68 38.07
CA GLN B 61 -10.69 -8.16 36.69
C GLN B 61 -12.12 -8.31 36.11
N PRO B 62 -12.26 -8.46 34.80
CA PRO B 62 -13.59 -8.60 34.18
C PRO B 62 -14.36 -9.82 34.69
N SER B 63 -15.70 -9.72 34.76
CA SER B 63 -16.54 -10.85 35.23
C SER B 63 -17.90 -10.91 34.52
N GLU B 64 -18.46 -12.13 34.47
CA GLU B 64 -19.76 -12.38 33.85
C GLU B 64 -20.84 -11.65 34.65
N GLU B 65 -20.55 -11.56 35.94
CA GLU B 65 -21.36 -10.89 36.95
C GLU B 65 -21.69 -9.43 36.60
N LEU B 66 -20.96 -8.85 35.66
CA LEU B 66 -21.15 -7.43 35.27
C LEU B 66 -22.53 -7.11 34.65
N GLU B 67 -23.24 -8.14 34.20
CA GLU B 67 -24.56 -7.94 33.60
C GLU B 67 -25.55 -7.22 34.53
N ASN B 68 -25.33 -7.32 35.84
CA ASN B 68 -26.27 -6.88 36.88
C ASN B 68 -26.00 -5.48 37.42
N PHE B 69 -25.59 -4.58 36.53
CA PHE B 69 -25.30 -3.20 36.93
C PHE B 69 -25.89 -2.22 35.94
N ASP B 70 -26.25 -1.05 36.44
CA ASP B 70 -26.87 -0.05 35.60
C ASP B 70 -25.88 0.49 34.56
N PHE B 71 -24.59 0.53 34.90
CA PHE B 71 -23.52 0.77 33.94
C PHE B 71 -22.13 0.38 34.45
N ILE B 72 -21.17 0.31 33.54
CA ILE B 72 -19.81 -0.04 33.85
C ILE B 72 -18.87 1.11 33.49
N VAL B 73 -18.10 1.59 34.47
CA VAL B 73 -16.97 2.45 34.18
C VAL B 73 -15.74 1.56 34.01
N SER B 74 -15.28 1.44 32.77
CA SER B 74 -14.01 0.79 32.46
C SER B 74 -12.89 1.81 32.65
N VAL B 75 -11.78 1.37 33.24
CA VAL B 75 -10.67 2.26 33.59
C VAL B 75 -9.32 1.69 33.14
N GLY B 76 -8.93 1.96 31.89
CA GLY B 76 -7.66 1.48 31.38
C GLY B 76 -7.33 1.80 29.93
N GLY B 77 -8.15 1.34 29.00
CA GLY B 77 -7.85 1.49 27.60
C GLY B 77 -8.75 0.64 26.71
N ASP B 78 -8.50 0.67 25.41
CA ASP B 78 -9.28 -0.10 24.47
C ASP B 78 -9.33 -1.57 24.90
N GLY B 79 -8.17 -2.11 25.22
CA GLY B 79 -8.08 -3.48 25.69
C GLY B 79 -8.99 -3.82 26.87
N THR B 80 -9.05 -2.92 27.86
CA THR B 80 -9.95 -3.10 29.00
C THR B 80 -11.42 -3.28 28.59
N ILE B 81 -11.87 -2.54 27.58
CA ILE B 81 -13.24 -2.64 27.11
C ILE B 81 -13.56 -3.93 26.35
N LEU B 82 -12.61 -4.42 25.54
CA LEU B 82 -12.84 -5.62 24.72
C LEU B 82 -13.03 -6.85 25.58
N ARG B 83 -12.22 -6.92 26.63
CA ARG B 83 -12.27 -7.94 27.65
C ARG B 83 -13.59 -7.92 28.42
N ILE B 84 -14.02 -6.72 28.75
CA ILE B 84 -15.27 -6.53 29.46
C ILE B 84 -16.39 -7.12 28.65
N LEU B 85 -16.40 -6.80 27.36
CA LEU B 85 -17.45 -7.21 26.44
C LEU B 85 -17.63 -8.73 26.27
N GLN B 86 -16.56 -9.50 26.34
CA GLN B 86 -16.67 -10.97 26.21
C GLN B 86 -17.60 -11.51 27.29
N LYS B 87 -17.35 -11.08 28.54
CA LYS B 87 -18.14 -11.56 29.68
C LYS B 87 -19.57 -10.97 29.76
N LEU B 88 -20.00 -10.29 28.69
CA LEU B 88 -21.35 -9.77 28.55
C LEU B 88 -22.03 -10.32 27.30
N LYS B 89 -23.33 -10.59 27.41
CA LYS B 89 -24.20 -10.78 26.26
C LYS B 89 -25.09 -9.52 26.22
N ARG B 90 -26.06 -9.46 27.13
CA ARG B 90 -26.69 -8.20 27.51
C ARG B 90 -25.60 -7.26 28.00
N CYS B 91 -25.57 -6.04 27.52
CA CYS B 91 -24.49 -5.13 27.85
C CYS B 91 -24.99 -3.82 28.47
N PRO B 92 -24.77 -3.63 29.76
CA PRO B 92 -24.97 -2.29 30.34
C PRO B 92 -24.09 -1.24 29.66
N PRO B 93 -24.48 0.03 29.73
CA PRO B 93 -23.67 1.12 29.19
C PRO B 93 -22.27 1.15 29.76
N ILE B 94 -21.29 1.37 28.91
CA ILE B 94 -19.90 1.41 29.30
C ILE B 94 -19.35 2.84 29.14
N PHE B 95 -18.92 3.43 30.24
CA PHE B 95 -18.12 4.65 30.19
C PHE B 95 -16.66 4.25 30.34
N GLY B 96 -15.92 4.14 29.23
CA GLY B 96 -14.50 3.89 29.25
C GLY B 96 -13.62 5.12 29.47
N ILE B 97 -12.61 4.99 30.34
CA ILE B 97 -11.65 6.06 30.67
C ILE B 97 -10.26 5.60 30.22
N ASN B 98 -9.54 6.45 29.50
CA ASN B 98 -8.23 6.08 28.95
C ASN B 98 -7.11 6.70 29.76
N THR B 99 -6.40 5.87 30.53
CA THR B 99 -5.17 6.28 31.23
C THR B 99 -3.91 6.24 30.34
N GLY B 100 -4.03 5.60 29.16
CA GLY B 100 -2.94 5.47 28.21
C GLY B 100 -2.84 6.64 27.26
N ARG B 101 -2.20 6.41 26.11
CA ARG B 101 -2.02 7.45 25.07
C ARG B 101 -3.29 7.60 24.22
N VAL B 102 -3.68 6.51 23.55
CA VAL B 102 -4.80 6.54 22.58
C VAL B 102 -5.80 5.38 22.77
N GLY B 103 -7.08 5.76 22.92
CA GLY B 103 -8.19 4.81 22.99
C GLY B 103 -9.37 5.30 22.17
N LEU B 104 -9.74 4.56 21.12
CA LEU B 104 -10.84 4.96 20.23
C LEU B 104 -12.23 4.67 20.81
N LEU B 105 -12.27 3.78 21.80
CA LEU B 105 -13.51 3.32 22.41
C LEU B 105 -13.92 4.15 23.63
N THR B 106 -12.97 4.92 24.16
CA THR B 106 -13.13 5.69 25.41
C THR B 106 -13.74 7.11 25.26
N HIS B 107 -14.39 7.56 26.33
CA HIS B 107 -15.07 8.85 26.39
C HIS B 107 -14.23 9.96 27.00
N ALA B 108 -13.31 9.63 27.91
CA ALA B 108 -12.53 10.66 28.60
C ALA B 108 -11.20 10.15 29.13
N SER B 109 -10.36 11.08 29.58
CA SER B 109 -9.11 10.78 30.26
C SER B 109 -9.27 11.19 31.72
N PRO B 110 -8.29 10.89 32.59
CA PRO B 110 -8.32 11.34 33.99
C PRO B 110 -8.48 12.85 34.23
N GLU B 111 -8.01 13.67 33.30
CA GLU B 111 -8.06 15.13 33.45
C GLU B 111 -9.51 15.61 33.33
N ASN B 112 -10.25 15.02 32.39
CA ASN B 112 -11.64 15.41 32.14
C ASN B 112 -12.73 14.42 32.57
N PHE B 113 -12.37 13.24 33.07
CA PHE B 113 -13.34 12.15 33.30
C PHE B 113 -14.55 12.54 34.17
N GLU B 114 -14.35 13.45 35.12
CA GLU B 114 -15.33 13.75 36.15
C GLU B 114 -16.47 14.58 35.59
N VAL B 115 -16.12 15.50 34.70
CA VAL B 115 -17.10 16.33 33.97
C VAL B 115 -17.92 15.52 32.94
N GLU B 116 -17.26 14.61 32.21
CA GLU B 116 -17.94 13.78 31.22
C GLU B 116 -18.79 12.71 31.86
N LEU B 117 -18.24 11.99 32.84
CA LEU B 117 -19.01 10.98 33.58
C LEU B 117 -20.33 11.56 34.08
N LYS B 118 -20.28 12.80 34.54
CA LYS B 118 -21.45 13.50 35.05
C LYS B 118 -22.46 13.77 33.93
N LYS B 119 -22.01 14.44 32.87
CA LYS B 119 -22.84 14.66 31.69
C LYS B 119 -23.45 13.32 31.26
N ALA B 120 -22.61 12.29 31.18
CA ALA B 120 -22.97 10.98 30.62
C ALA B 120 -24.10 10.30 31.36
N VAL B 121 -24.03 10.35 32.69
CA VAL B 121 -24.91 9.60 33.57
C VAL B 121 -26.20 10.37 33.85
N GLU B 122 -26.14 11.70 33.78
CA GLU B 122 -27.29 12.55 34.00
C GLU B 122 -28.27 12.44 32.81
N LYS B 123 -27.76 12.53 31.59
CA LYS B 123 -28.58 12.38 30.38
C LYS B 123 -28.91 10.91 30.08
N PHE B 124 -27.98 10.03 30.41
CA PHE B 124 -28.09 8.58 30.13
C PHE B 124 -28.51 8.23 28.69
N GLU B 125 -27.94 8.90 27.69
CA GLU B 125 -28.22 8.52 26.30
C GLU B 125 -27.16 7.50 25.97
N VAL B 126 -27.56 6.38 25.36
CA VAL B 126 -26.62 5.31 24.97
C VAL B 126 -26.66 5.03 23.48
N GLU B 127 -25.58 4.44 22.97
CA GLU B 127 -25.50 4.02 21.57
C GLU B 127 -24.82 2.65 21.43
N ARG B 128 -25.10 1.95 20.35
CA ARG B 128 -24.67 0.56 20.20
C ARG B 128 -24.15 0.17 18.82
N PHE B 129 -22.92 -0.38 18.83
CA PHE B 129 -22.27 -0.89 17.63
C PHE B 129 -22.32 -2.41 17.68
N PRO B 130 -22.55 -3.06 16.53
CA PRO B 130 -22.84 -4.50 16.55
C PRO B 130 -21.63 -5.36 16.89
N ARG B 131 -21.94 -6.55 17.42
CA ARG B 131 -20.97 -7.58 17.67
C ARG B 131 -21.20 -8.71 16.68
N VAL B 132 -20.13 -9.43 16.38
CA VAL B 132 -20.14 -10.42 15.33
C VAL B 132 -19.99 -11.80 15.99
N SER B 133 -20.16 -12.87 15.23
CA SER B 133 -20.19 -14.23 15.80
C SER B 133 -19.58 -15.28 14.86
N CYS B 134 -18.60 -16.05 15.36
CA CYS B 134 -17.99 -17.13 14.60
C CYS B 134 -18.60 -18.49 14.97
N SER B 135 -18.62 -19.42 14.02
CA SER B 135 -19.16 -20.78 14.22
C SER B 135 -18.40 -21.53 15.29
N ALA B 136 -17.09 -21.57 15.12
CA ALA B 136 -16.19 -22.36 15.95
C ALA B 136 -16.37 -22.11 17.44
N MET B 137 -16.50 -20.84 17.83
CA MET B 137 -16.83 -20.49 19.22
C MET B 137 -18.23 -19.90 19.21
N PRO B 138 -19.23 -20.70 19.58
CA PRO B 138 -20.62 -20.24 19.51
C PRO B 138 -20.91 -18.99 20.37
N ASP B 139 -20.79 -19.11 21.69
CA ASP B 139 -21.29 -18.06 22.57
C ASP B 139 -20.26 -16.95 22.85
N VAL B 140 -19.41 -16.64 21.88
CA VAL B 140 -18.42 -15.57 22.03
C VAL B 140 -18.61 -14.51 20.97
N LEU B 141 -18.32 -13.25 21.31
CA LEU B 141 -18.64 -12.12 20.44
C LEU B 141 -17.54 -11.08 20.41
N ALA B 142 -17.11 -10.77 19.19
CA ALA B 142 -16.13 -9.73 18.93
C ALA B 142 -16.82 -8.43 18.51
N LEU B 143 -16.25 -7.31 18.94
CA LEU B 143 -16.64 -5.98 18.52
C LEU B 143 -15.67 -5.48 17.42
N ASN B 144 -14.37 -5.76 17.60
CA ASN B 144 -13.33 -5.49 16.59
C ASN B 144 -13.37 -6.42 15.38
N GLU B 145 -12.92 -7.67 15.54
CA GLU B 145 -12.89 -8.60 14.42
C GLU B 145 -12.83 -10.08 14.82
N ILE B 146 -13.01 -10.95 13.82
CA ILE B 146 -12.59 -12.34 13.92
C ILE B 146 -11.40 -12.50 12.99
N ALA B 147 -10.30 -13.03 13.49
CA ALA B 147 -9.14 -13.28 12.67
C ALA B 147 -8.87 -14.77 12.62
N VAL B 148 -8.56 -15.23 11.41
CA VAL B 148 -8.21 -16.61 11.14
C VAL B 148 -6.75 -16.57 10.78
N LEU B 149 -5.90 -17.16 11.62
CA LEU B 149 -4.45 -17.18 11.35
C LEU B 149 -3.89 -18.61 11.38
N SER B 150 -2.61 -18.75 11.04
CA SER B 150 -1.95 -20.05 11.08
C SER B 150 -1.66 -20.47 12.51
N ARG B 151 -1.94 -21.74 12.82
CA ARG B 151 -1.57 -22.34 14.11
C ARG B 151 -0.09 -22.11 14.42
N LYS B 152 0.77 -22.50 13.49
CA LYS B 152 2.21 -22.29 13.64
C LYS B 152 2.63 -21.00 12.92
N PRO B 153 3.59 -20.27 13.46
CA PRO B 153 3.99 -18.97 12.89
C PRO B 153 5.15 -19.14 11.91
N ALA B 154 5.32 -18.15 11.02
CA ALA B 154 6.27 -18.23 9.90
C ALA B 154 5.75 -19.22 8.86
N LYS B 155 4.43 -19.34 8.80
CA LYS B 155 3.75 -20.33 7.99
C LYS B 155 2.44 -19.76 7.45
N MET B 156 2.19 -20.05 6.18
CA MET B 156 0.99 -19.60 5.52
C MET B 156 -0.10 -20.65 5.52
N ILE B 157 -1.33 -20.19 5.61
CA ILE B 157 -2.50 -21.02 5.37
C ILE B 157 -3.10 -20.66 3.99
N ASP B 158 -3.83 -21.62 3.40
CA ASP B 158 -4.54 -21.41 2.12
C ASP B 158 -6.01 -21.06 2.38
N VAL B 159 -6.24 -19.79 2.68
CA VAL B 159 -7.59 -19.26 2.94
C VAL B 159 -8.46 -19.12 1.68
N ALA B 160 -9.73 -19.52 1.81
CA ALA B 160 -10.74 -19.29 0.79
C ALA B 160 -11.93 -18.59 1.41
N LEU B 161 -12.35 -17.47 0.82
CA LEU B 161 -13.46 -16.65 1.32
C LEU B 161 -14.68 -16.71 0.40
N ARG B 162 -15.85 -16.57 1.00
CA ARG B 162 -17.12 -16.66 0.29
C ARG B 162 -18.19 -15.88 1.03
N VAL B 163 -18.65 -14.80 0.43
CA VAL B 163 -19.70 -13.97 1.01
C VAL B 163 -21.03 -14.30 0.35
N ASP B 164 -21.97 -14.81 1.15
CA ASP B 164 -23.36 -15.08 0.73
C ASP B 164 -23.44 -16.11 -0.39
N GLY B 165 -22.82 -17.27 -0.17
CA GLY B 165 -22.85 -18.36 -1.12
C GLY B 165 -21.86 -18.26 -2.26
N VAL B 166 -21.44 -17.03 -2.57
CA VAL B 166 -20.63 -16.75 -3.76
C VAL B 166 -19.16 -16.78 -3.38
N GLU B 167 -18.33 -17.22 -4.32
CA GLU B 167 -16.88 -17.25 -4.16
C GLU B 167 -16.34 -15.85 -4.43
N VAL B 168 -15.61 -15.26 -3.48
CA VAL B 168 -15.01 -13.92 -3.68
C VAL B 168 -13.48 -13.95 -3.75
N ASP B 169 -12.85 -14.88 -3.03
CA ASP B 169 -11.39 -15.00 -3.07
C ASP B 169 -10.79 -16.34 -2.65
N ARG B 170 -9.51 -16.49 -2.97
CA ARG B 170 -8.77 -17.69 -2.65
C ARG B 170 -7.29 -17.33 -2.65
N ILE B 171 -6.80 -17.00 -1.47
CA ILE B 171 -5.46 -16.44 -1.33
C ILE B 171 -4.62 -17.20 -0.33
N ARG B 172 -3.30 -17.09 -0.45
CA ARG B 172 -2.38 -17.64 0.53
C ARG B 172 -1.85 -16.50 1.38
N CYS B 173 -1.73 -16.73 2.68
CA CYS B 173 -1.47 -15.64 3.62
C CYS B 173 -1.15 -16.11 5.06
N ASP B 174 -0.49 -15.26 5.84
CA ASP B 174 -0.39 -15.47 7.28
C ASP B 174 -1.78 -15.55 7.94
N GLY B 175 -2.76 -14.82 7.41
CA GLY B 175 -4.12 -14.96 7.90
C GLY B 175 -5.11 -14.09 7.18
N PHE B 176 -6.38 -14.23 7.49
CA PHE B 176 -7.41 -13.36 6.95
C PHE B 176 -8.22 -12.72 8.04
N ILE B 177 -8.70 -11.51 7.80
CA ILE B 177 -9.37 -10.72 8.83
C ILE B 177 -10.78 -10.34 8.45
N VAL B 178 -11.74 -10.69 9.29
CA VAL B 178 -13.14 -10.29 9.10
C VAL B 178 -13.53 -9.33 10.22
N ALA B 179 -13.72 -8.05 9.89
CA ALA B 179 -13.73 -6.98 10.90
C ALA B 179 -14.89 -6.01 10.73
N THR B 180 -15.44 -5.54 11.84
CA THR B 180 -16.42 -4.47 11.77
C THR B 180 -15.71 -3.15 11.59
N GLN B 181 -16.47 -2.16 11.16
CA GLN B 181 -16.01 -0.78 11.06
C GLN B 181 -15.31 -0.29 12.32
N ILE B 182 -15.78 -0.75 13.47
CA ILE B 182 -15.19 -0.34 14.75
C ILE B 182 -13.74 -0.81 14.78
N GLY B 183 -13.54 -2.09 14.45
CA GLY B 183 -12.22 -2.69 14.34
C GLY B 183 -11.47 -2.40 13.03
N SER B 184 -11.96 -1.48 12.21
CA SER B 184 -11.22 -1.01 11.04
C SER B 184 -9.91 -0.32 11.45
N THR B 185 -9.92 0.22 12.67
CA THR B 185 -8.77 0.92 13.23
C THR B 185 -7.87 0.00 14.07
N GLY B 186 -8.27 -1.26 14.29
CA GLY B 186 -7.41 -2.24 14.96
C GLY B 186 -6.47 -3.01 14.05
N TYR B 187 -6.52 -4.35 14.13
CA TYR B 187 -5.70 -5.26 13.32
C TYR B 187 -5.76 -4.96 11.81
N ALA B 188 -6.98 -4.85 11.30
CA ALA B 188 -7.17 -4.66 9.87
C ALA B 188 -6.47 -3.40 9.41
N PHE B 189 -6.49 -2.36 10.24
CA PHE B 189 -5.74 -1.12 10.02
C PHE B 189 -4.26 -1.41 9.73
N SER B 190 -3.69 -2.32 10.49
CA SER B 190 -2.29 -2.69 10.33
C SER B 190 -2.02 -3.52 9.08
N ALA B 191 -3.01 -4.24 8.59
CA ALA B 191 -2.84 -5.07 7.40
C ALA B 191 -3.03 -4.28 6.08
N GLY B 192 -3.29 -2.98 6.19
CA GLY B 192 -3.44 -2.09 5.04
C GLY B 192 -4.87 -1.63 4.77
N GLY B 193 -5.76 -1.81 5.75
CA GLY B 193 -7.18 -1.57 5.56
C GLY B 193 -7.58 -0.11 5.73
N PRO B 194 -8.73 0.28 5.19
CA PRO B 194 -9.19 1.67 5.24
C PRO B 194 -9.77 1.98 6.60
N VAL B 195 -9.83 3.26 6.99
CA VAL B 195 -10.47 3.62 8.25
C VAL B 195 -11.86 4.02 7.92
N VAL B 196 -12.80 3.23 8.42
CA VAL B 196 -14.22 3.45 8.23
C VAL B 196 -14.76 4.07 9.52
N GLU B 197 -15.62 5.07 9.36
CA GLU B 197 -16.15 5.76 10.52
C GLU B 197 -16.98 4.79 11.31
N PRO B 198 -17.22 5.10 12.58
CA PRO B 198 -17.88 4.16 13.48
C PRO B 198 -19.36 4.01 13.19
N TYR B 199 -19.94 4.96 12.48
CA TYR B 199 -21.37 4.96 12.24
C TYR B 199 -21.77 4.46 10.85
N LEU B 200 -20.95 3.60 10.27
CA LEU B 200 -21.27 3.01 8.98
C LEU B 200 -21.13 1.51 9.10
N GLU B 201 -22.24 0.82 9.36
CA GLU B 201 -22.21 -0.63 9.56
C GLU B 201 -21.82 -1.39 8.30
N CYS B 202 -20.72 -2.14 8.41
CA CYS B 202 -20.16 -2.89 7.31
C CYS B 202 -19.03 -3.82 7.77
N PHE B 203 -18.64 -4.71 6.87
CA PHE B 203 -17.57 -5.66 7.06
C PHE B 203 -16.38 -5.22 6.24
N ILE B 204 -15.20 -5.64 6.68
CA ILE B 204 -13.93 -5.29 6.07
C ILE B 204 -13.10 -6.57 6.04
N LEU B 205 -12.88 -7.09 4.84
CA LEU B 205 -12.27 -8.39 4.62
C LEU B 205 -10.85 -8.28 3.96
N ILE B 206 -9.82 -8.32 4.79
CA ILE B 206 -8.48 -7.99 4.35
C ILE B 206 -7.51 -9.06 4.85
N PRO B 207 -6.62 -9.56 3.98
CA PRO B 207 -5.61 -10.57 4.38
C PRO B 207 -4.37 -10.00 5.07
N ILE B 208 -3.76 -10.79 5.93
CA ILE B 208 -2.43 -10.51 6.46
C ILE B 208 -1.37 -11.18 5.58
N ALA B 209 -0.44 -10.38 5.07
CA ALA B 209 0.72 -10.85 4.30
C ALA B 209 0.36 -11.78 3.15
N PRO B 210 -0.51 -11.33 2.26
CA PRO B 210 -0.93 -12.16 1.12
C PRO B 210 0.18 -12.39 0.11
N PHE B 211 0.48 -13.66 -0.19
CA PHE B 211 1.42 -14.02 -1.25
C PHE B 211 0.71 -14.04 -2.61
N ARG B 212 0.70 -12.88 -3.26
CA ARG B 212 0.03 -12.67 -4.52
C ARG B 212 0.33 -11.28 -5.10
N PHE B 213 0.37 -11.17 -6.43
CA PHE B 213 0.76 -9.92 -7.08
C PHE B 213 -0.21 -8.80 -6.71
N GLY B 214 -1.47 -8.97 -7.06
CA GLY B 214 -2.47 -7.97 -6.73
C GLY B 214 -3.40 -8.49 -5.68
N TRP B 215 -3.74 -7.68 -4.67
CA TRP B 215 -4.85 -7.98 -3.75
C TRP B 215 -5.52 -6.68 -3.35
N LYS B 216 -6.69 -6.81 -2.70
CA LYS B 216 -7.45 -5.62 -2.29
C LYS B 216 -8.32 -5.90 -1.04
N PRO B 217 -8.49 -4.92 -0.15
CA PRO B 217 -9.44 -5.09 0.96
C PRO B 217 -10.83 -4.87 0.44
N TYR B 218 -11.75 -5.76 0.78
CA TYR B 218 -13.16 -5.61 0.40
C TYR B 218 -13.97 -5.07 1.58
N VAL B 219 -14.86 -4.13 1.31
CA VAL B 219 -15.75 -3.60 2.34
C VAL B 219 -17.17 -3.94 1.88
N VAL B 220 -17.81 -4.92 2.52
CA VAL B 220 -19.20 -5.28 2.18
C VAL B 220 -20.19 -5.09 3.34
N SER B 221 -21.48 -5.20 3.05
CA SER B 221 -22.52 -5.00 4.07
C SER B 221 -22.40 -5.99 5.24
N MET B 222 -22.84 -5.57 6.41
CA MET B 222 -22.78 -6.42 7.59
C MET B 222 -24.00 -7.31 7.73
N GLU B 223 -24.98 -7.11 6.86
CA GLU B 223 -26.15 -7.96 6.81
C GLU B 223 -25.84 -9.22 5.98
N ARG B 224 -24.56 -9.56 5.83
CA ARG B 224 -24.14 -10.67 4.99
C ARG B 224 -23.46 -11.80 5.78
N LYS B 225 -23.42 -12.96 5.13
CA LYS B 225 -22.93 -14.20 5.71
C LYS B 225 -21.51 -14.45 5.20
N ILE B 226 -20.53 -14.27 6.07
CA ILE B 226 -19.13 -14.51 5.73
C ILE B 226 -18.82 -15.99 5.97
N GLU B 227 -17.95 -16.56 5.15
CA GLU B 227 -17.48 -17.93 5.33
C GLU B 227 -16.00 -18.05 5.01
N VAL B 228 -15.25 -18.60 5.95
CA VAL B 228 -13.81 -18.76 5.78
C VAL B 228 -13.48 -20.24 5.80
N ILE B 229 -12.57 -20.62 4.91
CA ILE B 229 -12.24 -22.02 4.67
C ILE B 229 -10.73 -22.11 4.62
N ALA B 230 -10.16 -22.83 5.59
CA ALA B 230 -8.72 -23.09 5.61
C ALA B 230 -8.44 -24.22 6.55
N GLU B 231 -7.32 -24.89 6.33
CA GLU B 231 -6.89 -25.96 7.21
C GLU B 231 -5.71 -25.48 8.07
N LYS B 232 -5.53 -26.16 9.22
CA LYS B 232 -4.39 -25.97 10.11
C LYS B 232 -4.30 -24.51 10.57
N ALA B 233 -5.41 -24.04 11.14
CA ALA B 233 -5.57 -22.63 11.51
C ALA B 233 -6.29 -22.42 12.83
N ILE B 234 -6.21 -21.20 13.36
CA ILE B 234 -6.97 -20.79 14.53
C ILE B 234 -7.88 -19.60 14.22
N VAL B 235 -8.93 -19.46 15.02
CA VAL B 235 -9.80 -18.28 14.95
C VAL B 235 -9.66 -17.51 16.23
N VAL B 236 -9.69 -16.20 16.13
CA VAL B 236 -9.43 -15.33 17.28
C VAL B 236 -10.45 -14.20 17.33
N ALA B 237 -11.27 -14.21 18.37
CA ALA B 237 -12.31 -13.21 18.52
C ALA B 237 -11.81 -12.04 19.37
N ASP B 238 -11.60 -10.90 18.75
CA ASP B 238 -11.20 -9.69 19.48
C ASP B 238 -9.87 -9.85 20.24
N GLY B 239 -8.97 -10.64 19.71
CA GLY B 239 -7.70 -10.90 20.38
C GLY B 239 -7.81 -11.58 21.75
N GLN B 240 -8.99 -12.11 22.07
CA GLN B 240 -9.22 -12.75 23.37
C GLN B 240 -9.37 -14.27 23.19
N LYS B 241 -10.58 -14.78 22.96
CA LYS B 241 -10.76 -16.24 22.86
C LYS B 241 -10.23 -16.77 21.52
N SER B 242 -9.44 -17.83 21.57
CA SER B 242 -8.82 -18.44 20.39
C SER B 242 -9.09 -19.95 20.41
N VAL B 243 -9.34 -20.51 19.24
CA VAL B 243 -9.64 -21.93 19.13
C VAL B 243 -9.20 -22.51 17.78
N ASP B 244 -8.47 -23.61 17.82
CA ASP B 244 -8.03 -24.32 16.61
C ASP B 244 -9.25 -24.77 15.80
N PHE B 245 -9.13 -24.79 14.47
CA PHE B 245 -10.24 -25.19 13.61
C PHE B 245 -9.76 -25.76 12.29
N ASP B 246 -10.53 -26.70 11.75
CA ASP B 246 -10.21 -27.30 10.46
C ASP B 246 -11.47 -27.35 9.60
N GLY B 247 -11.40 -26.71 8.42
CA GLY B 247 -12.46 -26.76 7.44
C GLY B 247 -13.20 -25.46 7.21
N GLU B 248 -14.31 -25.29 7.92
CA GLU B 248 -15.26 -24.22 7.62
C GLU B 248 -15.79 -23.50 8.87
N ILE B 249 -15.88 -22.19 8.74
CA ILE B 249 -16.56 -21.35 9.72
C ILE B 249 -17.47 -20.36 8.98
N THR B 250 -18.50 -19.88 9.67
CA THR B 250 -19.24 -18.74 9.20
C THR B 250 -19.09 -17.64 10.24
N ILE B 251 -18.97 -16.41 9.77
CA ILE B 251 -19.03 -15.24 10.64
C ILE B 251 -20.27 -14.46 10.26
N GLU B 252 -21.09 -14.10 11.25
CA GLU B 252 -22.26 -13.26 10.98
C GLU B 252 -22.61 -12.25 12.09
N LYS B 253 -23.44 -11.28 11.74
CA LYS B 253 -23.90 -10.27 12.69
C LYS B 253 -24.63 -10.97 13.85
N SER B 254 -24.55 -10.42 15.05
CA SER B 254 -25.19 -11.02 16.23
C SER B 254 -26.32 -10.13 16.77
N GLU B 255 -27.08 -10.69 17.71
CA GLU B 255 -28.27 -10.03 18.24
C GLU B 255 -28.06 -9.34 19.59
N PHE B 256 -26.83 -9.39 20.13
CA PHE B 256 -26.47 -8.77 21.41
C PHE B 256 -25.23 -7.91 21.20
N PRO B 257 -25.40 -6.62 20.97
CA PRO B 257 -24.29 -5.72 20.62
C PRO B 257 -23.61 -5.03 21.81
N ALA B 258 -22.54 -4.30 21.50
CA ALA B 258 -21.81 -3.53 22.48
C ALA B 258 -22.52 -2.21 22.69
N VAL B 259 -22.62 -1.81 23.96
CA VAL B 259 -23.32 -0.58 24.31
C VAL B 259 -22.39 0.34 25.10
N PHE B 260 -22.21 1.55 24.58
CA PHE B 260 -21.50 2.65 25.24
C PHE B 260 -22.43 3.82 25.40
N PHE B 261 -22.06 4.79 26.23
CA PHE B 261 -22.80 6.04 26.32
C PHE B 261 -22.53 6.80 25.03
N LYS B 262 -23.55 7.47 24.51
CA LYS B 262 -23.37 8.43 23.40
C LYS B 262 -22.09 9.27 23.61
N ASN B 263 -21.23 9.28 22.60
CA ASN B 263 -20.08 10.18 22.55
C ASN B 263 -20.35 11.22 21.46
N GLU B 264 -20.71 12.44 21.88
CA GLU B 264 -20.99 13.55 20.96
C GLU B 264 -19.89 13.74 19.90
N LYS B 265 -18.63 13.56 20.30
CA LYS B 265 -17.45 13.83 19.46
C LYS B 265 -16.79 12.58 18.83
N ARG B 266 -17.47 11.43 18.82
CA ARG B 266 -16.88 10.19 18.29
C ARG B 266 -16.29 10.38 16.90
N PHE B 267 -17.05 10.99 16.01
CA PHE B 267 -16.62 11.19 14.63
C PHE B 267 -15.44 12.16 14.54
N ARG B 268 -15.60 13.32 15.18
CA ARG B 268 -14.56 14.36 15.26
C ARG B 268 -13.17 13.81 15.64
N ASN B 269 -13.12 13.02 16.72
CA ASN B 269 -11.85 12.50 17.23
C ASN B 269 -11.32 11.33 16.43
N LEU B 270 -12.16 10.69 15.62
CA LEU B 270 -11.75 9.52 14.83
C LEU B 270 -10.48 9.83 14.04
N PHE B 271 -10.44 11.02 13.46
CA PHE B 271 -9.39 11.35 12.51
C PHE B 271 -8.09 11.79 13.18
N GLY B 272 -8.20 12.37 14.38
CA GLY B 272 -7.02 12.77 15.14
C GLY B 272 -6.33 11.57 15.75
N LYS B 273 -7.14 10.69 16.35
CA LYS B 273 -6.66 9.51 17.07
C LYS B 273 -5.96 8.49 16.14
N VAL B 274 -6.44 8.42 14.91
CA VAL B 274 -5.92 7.48 13.92
C VAL B 274 -4.48 7.84 13.55
N ARG B 275 -4.17 9.14 13.55
CA ARG B 275 -2.84 9.64 13.17
C ARG B 275 -1.82 9.51 14.28
N SER B 276 -2.26 9.14 15.47
CA SER B 276 -1.38 8.97 16.62
C SER B 276 -1.20 7.49 17.04
N ILE B 277 -1.62 6.58 16.14
CA ILE B 277 -1.58 5.14 16.39
C ILE B 277 -0.15 4.64 16.29
N GLY B 278 0.26 3.90 17.32
CA GLY B 278 1.63 3.43 17.45
C GLY B 278 1.66 2.33 18.50
N MET C 30 34.27 -35.86 -13.84
CA MET C 30 33.34 -34.88 -13.20
C MET C 30 32.07 -35.58 -12.70
N ARG C 31 31.55 -35.13 -11.55
CA ARG C 31 30.49 -35.83 -10.82
C ARG C 31 29.42 -34.90 -10.26
N ALA C 32 28.20 -35.42 -10.09
CA ALA C 32 27.02 -34.60 -9.72
C ALA C 32 26.02 -35.36 -8.85
N ALA C 33 25.36 -34.65 -7.96
CA ALA C 33 24.32 -35.22 -7.10
C ALA C 33 22.98 -34.67 -7.49
N VAL C 34 22.04 -35.55 -7.80
CA VAL C 34 20.69 -35.18 -8.19
C VAL C 34 19.74 -35.32 -7.00
N VAL C 35 19.37 -34.18 -6.40
CA VAL C 35 18.47 -34.17 -5.24
C VAL C 35 17.01 -34.04 -5.66
N TYR C 36 16.16 -34.90 -5.10
CA TYR C 36 14.72 -34.91 -5.41
C TYR C 36 13.85 -35.14 -4.17
N LYS C 37 12.57 -34.76 -4.28
CA LYS C 37 11.57 -35.11 -3.28
C LYS C 37 10.77 -36.31 -3.78
N THR C 38 10.03 -36.12 -4.88
CA THR C 38 9.32 -37.22 -5.56
C THR C 38 10.26 -37.92 -6.54
N ASP C 39 10.07 -39.22 -6.78
CA ASP C 39 10.93 -39.95 -7.71
C ASP C 39 10.31 -40.07 -9.12
N GLY C 40 9.82 -38.93 -9.62
CA GLY C 40 9.14 -38.86 -10.90
C GLY C 40 10.08 -38.74 -12.09
N HIS C 41 10.71 -37.58 -12.24
CA HIS C 41 11.52 -37.27 -13.42
C HIS C 41 12.98 -37.66 -13.28
N VAL C 42 13.27 -38.59 -12.38
CA VAL C 42 14.65 -38.87 -11.95
C VAL C 42 15.37 -39.85 -12.88
N LYS C 43 14.65 -40.74 -13.53
CA LYS C 43 15.29 -41.67 -14.48
C LYS C 43 15.55 -41.01 -15.83
N ARG C 44 14.81 -39.95 -16.15
CA ARG C 44 15.03 -39.17 -17.35
C ARG C 44 16.30 -38.32 -17.17
N ILE C 45 16.44 -37.71 -15.99
CA ILE C 45 17.58 -36.86 -15.67
C ILE C 45 18.84 -37.69 -15.44
N GLU C 46 18.66 -38.91 -14.93
CA GLU C 46 19.77 -39.82 -14.69
C GLU C 46 20.39 -40.24 -16.02
N GLU C 47 19.57 -40.27 -17.06
CA GLU C 47 20.02 -40.67 -18.38
C GLU C 47 20.49 -39.49 -19.23
N ALA C 48 20.09 -38.28 -18.83
CA ALA C 48 20.58 -37.08 -19.50
C ALA C 48 22.03 -36.81 -19.07
N LEU C 49 22.28 -36.98 -17.76
CA LEU C 49 23.61 -36.81 -17.19
C LEU C 49 24.55 -37.94 -17.59
N LYS C 50 23.99 -39.10 -17.90
CA LYS C 50 24.75 -40.24 -18.43
C LYS C 50 25.51 -39.84 -19.69
N ARG C 51 24.77 -39.41 -20.73
CA ARG C 51 25.36 -38.99 -22.00
C ARG C 51 26.01 -37.59 -21.93
N LEU C 52 26.58 -37.24 -20.78
CA LEU C 52 27.35 -36.00 -20.61
C LEU C 52 28.66 -36.26 -19.86
N GLU C 53 29.08 -37.52 -19.83
CA GLU C 53 30.28 -37.96 -19.09
C GLU C 53 30.35 -37.44 -17.65
N VAL C 54 29.23 -37.60 -16.93
CA VAL C 54 29.08 -37.14 -15.54
C VAL C 54 28.49 -38.27 -14.69
N GLU C 55 29.14 -38.60 -13.57
CA GLU C 55 28.63 -39.64 -12.66
C GLU C 55 27.52 -39.08 -11.78
N VAL C 56 26.55 -39.94 -11.46
CA VAL C 56 25.31 -39.52 -10.81
C VAL C 56 25.16 -40.20 -9.44
N GLU C 57 24.52 -39.51 -8.50
CA GLU C 57 24.16 -40.09 -7.20
C GLU C 57 22.81 -39.54 -6.72
N LEU C 58 21.87 -40.44 -6.46
CA LEU C 58 20.50 -40.06 -6.09
C LEU C 58 20.37 -39.69 -4.60
N PHE C 59 19.63 -38.61 -4.32
CA PHE C 59 19.48 -38.12 -2.96
C PHE C 59 18.02 -37.81 -2.60
N ASN C 60 17.39 -38.80 -1.95
CA ASN C 60 15.98 -38.71 -1.52
C ASN C 60 15.71 -37.55 -0.58
N GLN C 61 16.70 -37.18 0.23
CA GLN C 61 16.69 -35.94 1.00
C GLN C 61 18.08 -35.29 1.05
N PRO C 62 18.16 -33.95 0.97
CA PRO C 62 19.44 -33.22 1.06
C PRO C 62 20.33 -33.57 2.27
N SER C 63 21.62 -33.27 2.15
CA SER C 63 22.59 -33.70 3.14
C SER C 63 23.89 -32.92 3.06
N GLU C 64 24.63 -32.92 4.16
CA GLU C 64 25.96 -32.33 4.23
C GLU C 64 26.92 -32.95 3.21
N GLU C 65 26.58 -34.15 2.74
CA GLU C 65 27.38 -34.90 1.76
C GLU C 65 27.33 -34.29 0.34
N LEU C 66 26.44 -33.32 0.12
CA LEU C 66 26.29 -32.68 -1.18
C LEU C 66 27.50 -31.81 -1.50
N GLU C 67 28.20 -31.32 -0.47
CA GLU C 67 29.45 -30.56 -0.65
C GLU C 67 30.54 -31.31 -1.45
N ASN C 68 30.45 -32.64 -1.53
CA ASN C 68 31.45 -33.47 -2.21
C ASN C 68 31.12 -33.80 -3.67
N PHE C 69 30.41 -32.87 -4.33
CA PHE C 69 30.00 -33.04 -5.74
C PHE C 69 30.28 -31.76 -6.55
N ASP C 70 30.66 -31.94 -7.80
CA ASP C 70 31.00 -30.83 -8.70
C ASP C 70 29.80 -29.94 -9.02
N PHE C 71 28.60 -30.50 -8.99
CA PHE C 71 27.38 -29.71 -8.97
C PHE C 71 26.17 -30.48 -8.47
N ILE C 72 25.06 -29.78 -8.34
CA ILE C 72 23.82 -30.37 -7.84
C ILE C 72 22.70 -30.06 -8.79
N VAL C 73 21.85 -31.06 -8.98
CA VAL C 73 20.63 -30.87 -9.73
C VAL C 73 19.52 -31.14 -8.75
N SER C 74 18.82 -30.08 -8.34
CA SER C 74 17.59 -30.21 -7.56
C SER C 74 16.41 -30.50 -8.50
N VAL C 75 15.38 -31.15 -7.98
CA VAL C 75 14.21 -31.51 -8.79
C VAL C 75 12.93 -31.24 -7.99
N GLY C 76 12.43 -30.02 -8.11
CA GLY C 76 11.22 -29.59 -7.42
C GLY C 76 11.04 -28.07 -7.47
N GLY C 77 10.39 -27.51 -6.46
CA GLY C 77 10.17 -26.08 -6.41
C GLY C 77 11.40 -25.29 -5.98
N ASP C 78 11.18 -24.02 -5.69
CA ASP C 78 12.17 -23.15 -5.04
C ASP C 78 12.55 -23.68 -3.66
N GLY C 79 11.62 -24.38 -3.00
CA GLY C 79 11.85 -24.93 -1.67
C GLY C 79 12.86 -26.05 -1.64
N THR C 80 12.80 -26.93 -2.64
CA THR C 80 13.80 -27.98 -2.83
C THR C 80 15.21 -27.37 -2.81
N ILE C 81 15.33 -26.15 -3.31
CA ILE C 81 16.61 -25.44 -3.34
C ILE C 81 16.97 -24.90 -1.96
N LEU C 82 16.03 -24.21 -1.33
CA LEU C 82 16.31 -23.57 -0.05
C LEU C 82 16.65 -24.64 0.98
N ARG C 83 16.01 -25.80 0.82
CA ARG C 83 16.25 -26.95 1.67
C ARG C 83 17.65 -27.55 1.47
N ILE C 84 18.11 -27.51 0.22
CA ILE C 84 19.46 -27.94 -0.09
C ILE C 84 20.52 -27.04 0.55
N LEU C 85 20.34 -25.72 0.45
CA LEU C 85 21.35 -24.78 0.94
C LEU C 85 21.51 -24.78 2.47
N GLN C 86 20.52 -25.30 3.19
CA GLN C 86 20.65 -25.48 4.64
C GLN C 86 21.68 -26.58 4.99
N LYS C 87 22.08 -27.40 4.02
CA LYS C 87 23.06 -28.44 4.30
C LYS C 87 24.43 -28.15 3.65
N LEU C 88 24.52 -27.01 2.98
CA LEU C 88 25.75 -26.55 2.32
C LEU C 88 26.32 -25.34 3.04
N LYS C 89 27.63 -25.32 3.22
CA LYS C 89 28.33 -24.11 3.62
C LYS C 89 29.06 -23.62 2.38
N ARG C 90 30.13 -24.32 2.00
CA ARG C 90 30.70 -24.13 0.67
C ARG C 90 29.72 -24.76 -0.30
N CYS C 91 29.40 -24.04 -1.36
CA CYS C 91 28.28 -24.41 -2.23
C CYS C 91 28.71 -24.68 -3.67
N PRO C 92 28.62 -25.94 -4.12
CA PRO C 92 28.81 -26.22 -5.53
C PRO C 92 27.58 -25.73 -6.30
N PRO C 93 27.74 -25.43 -7.58
CA PRO C 93 26.67 -24.85 -8.41
C PRO C 93 25.39 -25.65 -8.36
N ILE C 94 24.25 -24.99 -8.32
CA ILE C 94 22.96 -25.68 -8.34
C ILE C 94 22.24 -25.40 -9.64
N PHE C 95 21.80 -26.47 -10.29
CA PHE C 95 20.92 -26.41 -11.45
C PHE C 95 19.57 -26.88 -10.94
N GLY C 96 18.53 -26.07 -11.10
CA GLY C 96 17.21 -26.35 -10.56
C GLY C 96 16.24 -26.72 -11.66
N ILE C 97 15.43 -27.76 -11.43
CA ILE C 97 14.39 -28.14 -12.37
C ILE C 97 13.02 -27.99 -11.69
N ASN C 98 12.33 -26.89 -11.97
CA ASN C 98 10.98 -26.62 -11.45
C ASN C 98 9.94 -27.64 -11.90
N THR C 99 9.47 -28.48 -10.98
CA THR C 99 8.64 -29.64 -11.35
C THR C 99 7.19 -29.22 -11.71
N GLY C 100 6.30 -28.99 -10.74
CA GLY C 100 5.03 -28.35 -11.05
C GLY C 100 5.35 -26.87 -10.97
N ARG C 101 4.50 -26.12 -10.24
CA ARG C 101 4.89 -24.89 -9.54
C ARG C 101 5.21 -23.66 -10.41
N VAL C 102 5.73 -22.62 -9.75
CA VAL C 102 6.48 -21.52 -10.36
C VAL C 102 7.64 -21.18 -9.42
N GLY C 103 8.79 -20.82 -9.98
CA GLY C 103 9.97 -20.50 -9.16
C GLY C 103 11.02 -19.65 -9.86
N LEU C 104 11.55 -18.68 -9.14
CA LEU C 104 12.54 -17.80 -9.76
C LEU C 104 14.00 -18.17 -9.39
N LEU C 105 14.18 -19.28 -8.68
CA LEU C 105 15.51 -19.88 -8.44
C LEU C 105 15.82 -21.04 -9.40
N THR C 106 14.83 -21.52 -10.13
CA THR C 106 15.00 -22.66 -11.01
C THR C 106 15.48 -22.24 -12.38
N HIS C 107 16.14 -23.18 -13.05
CA HIS C 107 16.76 -22.97 -14.35
C HIS C 107 15.94 -23.54 -15.51
N ALA C 108 15.07 -24.51 -15.24
CA ALA C 108 14.35 -25.18 -16.33
C ALA C 108 13.10 -25.94 -15.88
N SER C 109 12.11 -26.01 -16.76
CA SER C 109 10.98 -26.93 -16.59
C SER C 109 11.41 -28.35 -17.05
N PRO C 110 10.61 -29.39 -16.77
CA PRO C 110 10.95 -30.77 -17.20
C PRO C 110 10.83 -31.04 -18.72
N GLU C 111 10.02 -30.28 -19.44
CA GLU C 111 9.79 -30.52 -20.87
C GLU C 111 10.73 -29.72 -21.79
N ASN C 112 11.69 -29.01 -21.19
CA ASN C 112 12.82 -28.44 -21.94
C ASN C 112 14.22 -28.70 -21.33
N PHE C 113 14.27 -29.33 -20.14
CA PHE C 113 15.52 -29.41 -19.36
C PHE C 113 16.63 -30.15 -20.10
N GLU C 114 16.25 -31.15 -20.91
CA GLU C 114 17.21 -31.96 -21.64
C GLU C 114 18.26 -31.04 -22.26
N VAL C 115 17.78 -30.06 -23.03
CA VAL C 115 18.66 -29.09 -23.68
C VAL C 115 19.40 -28.25 -22.63
N GLU C 116 18.66 -27.55 -21.78
CA GLU C 116 19.22 -26.56 -20.85
C GLU C 116 20.31 -27.11 -19.93
N LEU C 117 20.23 -28.39 -19.58
CA LEU C 117 21.26 -29.01 -18.75
C LEU C 117 22.55 -29.04 -19.54
N LYS C 118 22.50 -29.65 -20.72
CA LYS C 118 23.68 -29.77 -21.61
C LYS C 118 24.41 -28.43 -21.79
N LYS C 119 23.66 -27.35 -21.98
CA LYS C 119 24.23 -26.03 -22.19
C LYS C 119 24.89 -25.50 -20.91
N ALA C 120 24.28 -25.80 -19.79
CA ALA C 120 24.71 -25.29 -18.49
C ALA C 120 25.96 -25.97 -17.93
N VAL C 121 26.15 -27.23 -18.27
CA VAL C 121 27.26 -28.02 -17.76
C VAL C 121 28.48 -28.01 -18.70
N GLU C 122 28.24 -27.76 -19.98
CA GLU C 122 29.33 -27.70 -20.96
C GLU C 122 30.00 -26.34 -20.85
N LYS C 123 29.19 -25.29 -20.91
CA LYS C 123 29.67 -23.94 -20.63
C LYS C 123 30.31 -23.90 -19.23
N PHE C 124 29.72 -24.62 -18.29
CA PHE C 124 30.06 -24.56 -16.87
C PHE C 124 30.38 -23.14 -16.42
N GLU C 125 29.35 -22.29 -16.41
CA GLU C 125 29.47 -20.87 -16.03
C GLU C 125 28.53 -20.56 -14.86
N VAL C 126 29.06 -19.97 -13.79
CA VAL C 126 28.30 -19.74 -12.53
C VAL C 126 28.14 -18.27 -12.16
N GLU C 127 27.29 -18.02 -11.15
CA GLU C 127 27.12 -16.71 -10.52
C GLU C 127 26.70 -16.88 -9.06
N ARG C 128 27.07 -15.93 -8.21
CA ARG C 128 26.86 -16.13 -6.77
C ARG C 128 26.00 -15.05 -6.11
N PHE C 129 25.11 -15.49 -5.22
CA PHE C 129 24.31 -14.58 -4.42
C PHE C 129 24.60 -14.72 -2.92
N PRO C 130 24.63 -13.62 -2.18
CA PRO C 130 24.99 -13.66 -0.77
C PRO C 130 23.94 -14.33 0.09
N ARG C 131 24.42 -15.01 1.12
CA ARG C 131 23.58 -15.45 2.22
C ARG C 131 24.02 -14.70 3.46
N VAL C 132 23.06 -14.50 4.35
CA VAL C 132 23.27 -13.79 5.60
C VAL C 132 23.33 -14.79 6.73
N SER C 133 23.66 -14.34 7.93
CA SER C 133 23.69 -15.21 9.09
C SER C 133 22.97 -14.55 10.25
N CYS C 134 22.79 -15.31 11.31
CA CYS C 134 22.16 -14.80 12.50
C CYS C 134 23.09 -14.87 13.71
N SER C 135 22.67 -14.23 14.79
CA SER C 135 23.34 -14.32 16.05
C SER C 135 22.75 -15.53 16.76
N ALA C 136 21.43 -15.62 16.73
CA ALA C 136 20.69 -16.59 17.52
C ALA C 136 20.83 -18.01 16.99
N MET C 137 21.01 -18.15 15.68
CA MET C 137 21.30 -19.44 15.05
C MET C 137 22.68 -19.27 14.38
N PRO C 138 23.72 -19.83 14.96
CA PRO C 138 25.08 -19.44 14.59
C PRO C 138 25.54 -19.98 13.23
N ASP C 139 25.39 -21.30 13.03
CA ASP C 139 25.90 -21.95 11.81
C ASP C 139 24.96 -21.93 10.60
N VAL C 140 23.91 -21.13 10.66
CA VAL C 140 22.84 -21.21 9.69
C VAL C 140 22.85 -20.00 8.75
N LEU C 141 22.35 -20.22 7.53
CA LEU C 141 22.48 -19.24 6.46
C LEU C 141 21.17 -19.13 5.68
N ALA C 142 20.76 -17.89 5.44
CA ALA C 142 19.56 -17.60 4.71
C ALA C 142 19.87 -16.85 3.39
N LEU C 143 19.29 -17.34 2.29
CA LEU C 143 19.40 -16.72 0.97
C LEU C 143 18.29 -15.69 0.81
N ASN C 144 17.10 -16.03 1.28
CA ASN C 144 15.92 -15.20 1.10
C ASN C 144 15.81 -14.12 2.15
N GLU C 145 15.68 -14.55 3.40
CA GLU C 145 15.52 -13.64 4.53
C GLU C 145 15.65 -14.32 5.87
N ILE C 146 15.77 -13.50 6.91
CA ILE C 146 15.53 -13.92 8.26
C ILE C 146 14.32 -13.18 8.75
N ALA C 147 13.31 -13.91 9.22
CA ALA C 147 12.08 -13.30 9.70
C ALA C 147 11.96 -13.46 11.20
N VAL C 148 11.75 -12.35 11.89
CA VAL C 148 11.51 -12.35 13.32
C VAL C 148 10.02 -12.18 13.51
N LEU C 149 9.41 -13.11 14.25
CA LEU C 149 7.96 -13.15 14.41
C LEU C 149 7.55 -13.30 15.86
N SER C 150 6.26 -13.30 16.13
CA SER C 150 5.78 -13.52 17.47
C SER C 150 5.80 -15.01 17.74
N ARG C 151 5.98 -15.38 19.00
CA ARG C 151 6.03 -16.78 19.39
C ARG C 151 4.63 -17.38 19.41
N LYS C 152 3.68 -16.58 19.90
CA LYS C 152 2.25 -16.95 19.94
C LYS C 152 1.55 -16.18 18.80
N PRO C 153 0.81 -16.86 17.93
CA PRO C 153 0.21 -16.16 16.76
C PRO C 153 -0.99 -15.36 17.21
N ALA C 154 -1.33 -14.28 16.52
CA ALA C 154 -2.38 -13.34 16.96
C ALA C 154 -1.90 -12.34 18.03
N LYS C 155 -0.69 -12.56 18.53
CA LYS C 155 -0.03 -11.62 19.42
C LYS C 155 0.98 -10.85 18.58
N MET C 156 1.10 -9.55 18.82
CA MET C 156 2.12 -8.76 18.15
C MET C 156 3.24 -8.45 19.13
N ILE C 157 4.47 -8.40 18.61
CA ILE C 157 5.64 -8.03 19.38
C ILE C 157 6.10 -6.60 19.09
N ASP C 158 6.88 -6.05 20.02
CA ASP C 158 7.54 -4.75 19.90
C ASP C 158 9.00 -4.93 19.41
N VAL C 159 9.19 -4.70 18.11
CA VAL C 159 10.51 -4.82 17.47
C VAL C 159 11.20 -3.46 17.49
N ALA C 160 12.53 -3.49 17.60
CA ALA C 160 13.32 -2.27 17.64
C ALA C 160 14.58 -2.48 16.83
N LEU C 161 14.62 -1.87 15.66
CA LEU C 161 15.64 -2.16 14.65
C LEU C 161 16.69 -1.07 14.58
N ARG C 162 17.98 -1.46 14.62
CA ARG C 162 19.08 -0.58 14.22
C ARG C 162 20.00 -1.17 13.15
N VAL C 163 20.52 -0.33 12.26
CA VAL C 163 21.52 -0.76 11.28
C VAL C 163 22.77 0.09 11.43
N ASP C 164 23.94 -0.54 11.31
CA ASP C 164 25.24 0.05 11.64
C ASP C 164 25.25 0.92 12.89
N GLY C 165 24.49 0.54 13.91
CA GLY C 165 24.48 1.27 15.16
C GLY C 165 23.47 2.40 15.31
N VAL C 166 22.98 2.96 14.21
CA VAL C 166 21.94 4.00 14.32
C VAL C 166 20.54 3.38 14.45
N GLU C 167 19.77 3.89 15.42
CA GLU C 167 18.36 3.50 15.59
C GLU C 167 17.65 3.94 14.33
N VAL C 168 16.91 3.03 13.70
CA VAL C 168 16.09 3.39 12.56
C VAL C 168 14.61 3.40 12.87
N ASP C 169 14.17 2.64 13.87
CA ASP C 169 12.75 2.37 14.01
C ASP C 169 12.42 1.56 15.25
N ARG C 170 11.19 1.68 15.72
CA ARG C 170 10.74 0.91 16.88
C ARG C 170 9.23 0.75 16.76
N ILE C 171 8.82 -0.36 16.15
CA ILE C 171 7.45 -0.57 15.74
C ILE C 171 6.84 -1.84 16.33
N ARG C 172 5.56 -1.77 16.66
CA ARG C 172 4.77 -2.90 17.12
C ARG C 172 4.26 -3.58 15.87
N CYS C 173 4.48 -4.88 15.73
CA CYS C 173 4.13 -5.60 14.50
C CYS C 173 3.90 -7.07 14.73
N ASP C 174 3.33 -7.75 13.74
CA ASP C 174 3.24 -9.21 13.81
C ASP C 174 4.64 -9.85 13.62
N GLY C 175 5.58 -9.09 13.06
CA GLY C 175 6.92 -9.57 12.80
C GLY C 175 7.76 -8.54 12.06
N PHE C 176 8.99 -8.92 11.75
CA PHE C 176 9.89 -8.07 10.99
C PHE C 176 10.85 -8.92 10.16
N ILE C 177 11.07 -8.49 8.92
CA ILE C 177 11.79 -9.26 7.95
C ILE C 177 13.04 -8.52 7.49
N VAL C 178 14.19 -9.15 7.69
CA VAL C 178 15.42 -8.72 7.08
C VAL C 178 15.64 -9.62 5.87
N ALA C 179 15.41 -9.10 4.67
CA ALA C 179 15.47 -9.91 3.45
C ALA C 179 16.65 -9.49 2.60
N THR C 180 17.02 -10.34 1.65
CA THR C 180 17.93 -9.95 0.55
C THR C 180 17.17 -9.77 -0.76
N GLN C 181 17.80 -9.08 -1.70
CA GLN C 181 17.19 -8.86 -3.00
C GLN C 181 16.56 -10.12 -3.61
N ILE C 182 17.12 -11.28 -3.28
CA ILE C 182 16.60 -12.54 -3.82
C ILE C 182 15.26 -12.84 -3.19
N GLY C 183 15.22 -12.86 -1.87
CA GLY C 183 13.98 -13.06 -1.13
C GLY C 183 13.10 -11.82 -0.99
N SER C 184 13.26 -10.84 -1.89
CA SER C 184 12.35 -9.70 -1.98
C SER C 184 11.09 -10.04 -2.76
N THR C 185 11.13 -11.19 -3.44
CA THR C 185 9.97 -11.78 -4.10
C THR C 185 9.27 -12.84 -3.23
N GLY C 186 9.75 -13.03 -1.99
CA GLY C 186 9.19 -14.00 -1.05
C GLY C 186 8.32 -13.40 0.03
N TYR C 187 8.81 -13.42 1.28
CA TYR C 187 8.01 -12.98 2.43
C TYR C 187 7.84 -11.46 2.39
N ALA C 188 8.92 -10.77 2.01
CA ALA C 188 8.91 -9.30 1.96
C ALA C 188 8.02 -8.80 0.83
N PHE C 189 7.80 -9.61 -0.19
CA PHE C 189 6.84 -9.28 -1.23
C PHE C 189 5.40 -9.20 -0.70
N SER C 190 5.04 -10.12 0.19
CA SER C 190 3.70 -10.19 0.75
C SER C 190 3.46 -9.24 1.90
N ALA C 191 4.53 -8.73 2.49
CA ALA C 191 4.43 -7.75 3.54
C ALA C 191 4.32 -6.34 2.94
N GLY C 192 4.45 -6.26 1.61
CA GLY C 192 4.31 -4.99 0.91
C GLY C 192 5.61 -4.42 0.38
N GLY C 193 6.58 -5.29 0.12
CA GLY C 193 7.91 -4.86 -0.26
C GLY C 193 7.97 -4.57 -1.74
N PRO C 194 9.06 -3.94 -2.18
CA PRO C 194 9.31 -3.74 -3.60
C PRO C 194 9.97 -4.98 -4.17
N VAL C 195 9.79 -5.14 -5.47
CA VAL C 195 10.52 -6.12 -6.26
C VAL C 195 11.88 -5.48 -6.51
N VAL C 196 12.94 -6.12 -6.01
CA VAL C 196 14.31 -5.72 -6.26
C VAL C 196 14.98 -6.77 -7.11
N GLU C 197 15.75 -6.36 -8.11
CA GLU C 197 16.34 -7.29 -9.04
C GLU C 197 17.40 -8.12 -8.33
N PRO C 198 17.79 -9.27 -8.89
CA PRO C 198 18.71 -10.15 -8.17
C PRO C 198 20.14 -9.62 -8.13
N TYR C 199 20.53 -8.88 -9.17
CA TYR C 199 21.91 -8.41 -9.29
C TYR C 199 22.22 -7.16 -8.47
N LEU C 200 21.21 -6.57 -7.81
CA LEU C 200 21.46 -5.46 -6.88
C LEU C 200 21.51 -5.98 -5.44
N GLU C 201 22.72 -6.07 -4.88
CA GLU C 201 22.89 -6.57 -3.51
C GLU C 201 22.41 -5.52 -2.51
N CYS C 202 21.50 -5.90 -1.62
CA CYS C 202 20.95 -5.00 -0.63
C CYS C 202 20.09 -5.74 0.39
N PHE C 203 19.89 -5.15 1.57
CA PHE C 203 18.86 -5.60 2.51
C PHE C 203 17.51 -4.92 2.24
N ILE C 204 16.41 -5.62 2.51
CA ILE C 204 15.10 -4.98 2.60
C ILE C 204 14.56 -5.18 4.01
N LEU C 205 14.15 -4.09 4.65
CA LEU C 205 13.72 -4.09 6.04
C LEU C 205 12.27 -3.62 6.08
N ILE C 206 11.38 -4.55 6.41
CA ILE C 206 9.95 -4.31 6.32
C ILE C 206 9.22 -5.14 7.37
N PRO C 207 8.30 -4.50 8.11
CA PRO C 207 7.48 -5.18 9.11
C PRO C 207 6.26 -5.85 8.51
N ILE C 208 5.57 -6.71 9.28
CA ILE C 208 4.47 -7.50 8.75
C ILE C 208 3.07 -6.84 8.93
N ALA C 209 2.56 -6.75 10.16
CA ALA C 209 1.26 -6.06 10.32
C ALA C 209 1.44 -4.89 11.28
N PRO C 210 2.16 -3.87 10.81
CA PRO C 210 2.60 -2.80 11.68
C PRO C 210 1.41 -1.99 12.18
N PHE C 211 1.18 -1.96 13.48
CA PHE C 211 0.16 -1.12 14.09
C PHE C 211 0.76 0.25 14.28
N ARG C 212 0.73 1.03 13.20
CA ARG C 212 1.25 2.40 13.15
C ARG C 212 0.76 3.12 11.89
N PHE C 213 0.40 4.40 12.03
CA PHE C 213 -0.23 5.17 10.97
C PHE C 213 0.56 5.15 9.65
N GLY C 214 1.81 5.62 9.71
CA GLY C 214 2.67 5.59 8.55
C GLY C 214 3.82 4.65 8.78
N TRP C 215 4.19 3.88 7.76
CA TRP C 215 5.42 3.09 7.81
C TRP C 215 5.97 2.96 6.39
N LYS C 216 7.21 2.47 6.27
CA LYS C 216 7.83 2.31 4.95
C LYS C 216 8.98 1.30 5.03
N PRO C 217 9.16 0.49 3.98
CA PRO C 217 10.32 -0.37 3.91
C PRO C 217 11.55 0.45 3.58
N TYR C 218 12.67 0.07 4.21
CA TYR C 218 13.94 0.67 3.94
C TYR C 218 14.77 -0.36 3.19
N VAL C 219 15.44 0.07 2.14
CA VAL C 219 16.36 -0.75 1.40
C VAL C 219 17.73 -0.17 1.71
N VAL C 220 18.63 -0.99 2.23
CA VAL C 220 19.96 -0.49 2.57
C VAL C 220 21.09 -1.39 2.01
N SER C 221 22.34 -1.01 2.23
CA SER C 221 23.48 -1.75 1.70
C SER C 221 23.59 -3.05 2.48
N MET C 222 24.01 -4.12 1.81
CA MET C 222 24.18 -5.41 2.47
C MET C 222 25.47 -5.49 3.32
N GLU C 223 26.29 -4.45 3.23
CA GLU C 223 27.52 -4.34 4.00
C GLU C 223 27.25 -3.84 5.41
N ARG C 224 26.00 -3.53 5.72
CA ARG C 224 25.67 -3.00 7.04
C ARG C 224 25.23 -4.13 7.97
N LYS C 225 25.43 -3.87 9.26
CA LYS C 225 25.14 -4.80 10.35
C LYS C 225 23.74 -4.52 10.89
N ILE C 226 22.81 -5.41 10.60
CA ILE C 226 21.44 -5.29 11.10
C ILE C 226 21.32 -5.78 12.54
N GLU C 227 20.33 -5.27 13.26
CA GLU C 227 20.10 -5.63 14.65
C GLU C 227 18.64 -5.47 14.98
N VAL C 228 17.98 -6.57 15.28
CA VAL C 228 16.60 -6.58 15.71
C VAL C 228 16.57 -6.81 17.22
N ILE C 229 15.64 -6.16 17.91
CA ILE C 229 15.46 -6.37 19.35
C ILE C 229 14.01 -6.65 19.62
N ALA C 230 13.74 -7.69 20.41
CA ALA C 230 12.39 -8.11 20.68
C ALA C 230 12.34 -9.17 21.74
N GLU C 231 11.28 -9.17 22.53
CA GLU C 231 11.02 -10.23 23.52
C GLU C 231 10.04 -11.27 22.93
N LYS C 232 9.65 -12.28 23.70
CA LYS C 232 8.64 -13.28 23.28
C LYS C 232 8.57 -13.45 21.76
N ALA C 233 9.69 -13.85 21.14
CA ALA C 233 9.78 -13.96 19.68
C ALA C 233 10.49 -15.23 19.22
N ILE C 234 10.55 -15.41 17.89
CA ILE C 234 11.41 -16.41 17.24
C ILE C 234 12.18 -15.81 16.06
N VAL C 235 13.13 -16.57 15.52
CA VAL C 235 13.82 -16.23 14.27
C VAL C 235 13.71 -17.39 13.31
N VAL C 236 13.60 -17.09 12.03
CA VAL C 236 13.40 -18.11 11.01
C VAL C 236 14.21 -17.76 9.77
N ALA C 237 15.22 -18.58 9.48
CA ALA C 237 15.95 -18.49 8.21
C ALA C 237 15.23 -19.30 7.15
N ASP C 238 14.87 -18.65 6.05
CA ASP C 238 14.20 -19.29 4.92
C ASP C 238 13.04 -20.25 5.28
N GLY C 239 12.24 -19.91 6.27
CA GLY C 239 11.11 -20.73 6.67
C GLY C 239 11.51 -22.18 6.93
N GLN C 240 12.77 -22.39 7.28
CA GLN C 240 13.36 -23.73 7.36
C GLN C 240 13.77 -24.05 8.79
N LYS C 241 14.51 -23.14 9.41
CA LYS C 241 15.03 -23.31 10.77
C LYS C 241 14.52 -22.21 11.70
N SER C 242 14.12 -22.58 12.92
CA SER C 242 13.59 -21.61 13.87
C SER C 242 14.11 -21.84 15.29
N VAL C 243 14.40 -20.75 16.00
CA VAL C 243 14.77 -20.80 17.42
C VAL C 243 14.17 -19.62 18.18
N ASP C 244 13.57 -19.91 19.34
CA ASP C 244 13.04 -18.88 20.26
C ASP C 244 14.17 -17.91 20.60
N PHE C 245 13.84 -16.64 20.82
CA PHE C 245 14.82 -15.68 21.34
C PHE C 245 14.17 -14.49 22.07
N ASP C 246 14.99 -13.83 22.90
CA ASP C 246 14.68 -12.52 23.49
C ASP C 246 15.92 -11.62 23.46
N GLY C 247 15.71 -10.32 23.62
CA GLY C 247 16.81 -9.38 23.61
C GLY C 247 17.21 -9.12 22.17
N GLU C 248 18.49 -9.17 21.87
CA GLU C 248 18.88 -8.76 20.52
C GLU C 248 19.56 -9.85 19.69
N ILE C 249 19.42 -9.69 18.39
CA ILE C 249 20.14 -10.50 17.41
C ILE C 249 20.75 -9.56 16.37
N THR C 250 21.82 -10.04 15.74
CA THR C 250 22.41 -9.30 14.64
C THR C 250 22.39 -10.17 13.38
N ILE C 251 22.04 -9.56 12.26
CA ILE C 251 22.11 -10.16 10.93
C ILE C 251 23.23 -9.49 10.11
N GLU C 252 24.03 -10.30 9.44
CA GLU C 252 25.24 -9.84 8.76
C GLU C 252 25.35 -10.62 7.47
N LYS C 253 26.21 -10.16 6.58
CA LYS C 253 26.46 -10.83 5.33
C LYS C 253 27.56 -11.88 5.56
N SER C 254 27.21 -13.15 5.38
CA SER C 254 28.17 -14.25 5.50
C SER C 254 29.08 -14.32 4.29
N GLU C 255 30.17 -15.05 4.47
CA GLU C 255 31.15 -15.23 3.41
C GLU C 255 30.87 -16.44 2.49
N PHE C 256 29.75 -17.14 2.71
CA PHE C 256 29.43 -18.39 2.01
C PHE C 256 28.16 -18.24 1.15
N PRO C 257 28.35 -17.87 -0.12
CA PRO C 257 27.22 -17.56 -1.00
C PRO C 257 26.57 -18.79 -1.63
N ALA C 258 25.26 -18.70 -1.83
CA ALA C 258 24.54 -19.57 -2.75
C ALA C 258 25.18 -19.51 -4.13
N VAL C 259 25.36 -20.65 -4.77
CA VAL C 259 25.98 -20.64 -6.10
C VAL C 259 25.08 -21.38 -7.09
N PHE C 260 24.80 -20.69 -8.19
CA PHE C 260 23.96 -21.23 -9.25
C PHE C 260 24.71 -21.17 -10.57
N PHE C 261 24.33 -22.05 -11.50
CA PHE C 261 24.76 -21.89 -12.88
C PHE C 261 24.24 -20.53 -13.36
N LYS C 262 24.70 -20.06 -14.52
CA LYS C 262 24.31 -18.74 -15.00
C LYS C 262 22.99 -18.83 -15.75
N ASN C 263 22.03 -18.03 -15.30
CA ASN C 263 20.79 -17.82 -16.03
C ASN C 263 20.86 -16.43 -16.64
N GLU C 264 21.08 -16.37 -17.95
CA GLU C 264 21.14 -15.10 -18.66
C GLU C 264 19.79 -14.45 -18.63
N LYS C 265 18.74 -15.26 -18.76
CA LYS C 265 17.37 -14.75 -18.77
C LYS C 265 16.76 -14.62 -17.35
N ARG C 266 17.59 -14.45 -16.33
CA ARG C 266 17.12 -14.30 -14.96
C ARG C 266 16.43 -12.96 -14.77
N PHE C 267 17.01 -11.93 -15.39
CA PHE C 267 16.50 -10.57 -15.29
C PHE C 267 15.23 -10.38 -16.13
N ARG C 268 15.26 -10.86 -17.38
CA ARG C 268 14.11 -10.75 -18.27
C ARG C 268 12.92 -11.63 -17.84
N ASN C 269 13.19 -12.67 -17.07
CA ASN C 269 12.13 -13.53 -16.54
C ASN C 269 11.57 -12.97 -15.25
N LEU C 270 12.33 -12.11 -14.57
CA LEU C 270 11.94 -11.61 -13.25
C LEU C 270 10.57 -10.98 -13.30
N PHE C 271 10.31 -10.16 -14.31
CA PHE C 271 9.10 -9.34 -14.31
C PHE C 271 7.83 -10.15 -14.64
N GLY C 272 7.97 -11.17 -15.48
CA GLY C 272 6.87 -12.05 -15.87
C GLY C 272 6.49 -13.12 -14.86
N LYS C 273 7.46 -13.50 -14.01
CA LYS C 273 7.26 -14.46 -12.93
C LYS C 273 6.60 -13.77 -11.75
N VAL C 274 7.08 -12.57 -11.45
CA VAL C 274 6.55 -11.75 -10.36
C VAL C 274 5.06 -11.47 -10.56
N ARG C 275 4.65 -11.28 -11.82
CA ARG C 275 3.26 -11.02 -12.12
C ARG C 275 2.41 -12.25 -11.78
N SER C 276 2.95 -13.43 -12.06
CA SER C 276 2.23 -14.69 -11.82
C SER C 276 2.30 -15.26 -10.38
N ILE C 277 2.87 -14.51 -9.43
CA ILE C 277 2.95 -14.98 -8.04
C ILE C 277 1.57 -15.22 -7.43
N GLY C 278 1.34 -16.45 -6.95
CA GLY C 278 0.12 -16.83 -6.26
C GLY C 278 0.32 -18.01 -5.31
N MET D 30 40.48 31.87 -2.04
CA MET D 30 39.31 30.96 -2.26
C MET D 30 37.95 31.68 -2.04
N ARG D 31 37.12 31.77 -3.07
CA ARG D 31 35.84 32.47 -2.98
C ARG D 31 34.60 31.58 -3.25
N ALA D 32 33.45 31.98 -2.69
CA ALA D 32 32.22 31.17 -2.68
C ALA D 32 30.98 31.97 -3.09
N ALA D 33 29.92 31.25 -3.45
CA ALA D 33 28.66 31.85 -3.90
C ALA D 33 27.54 31.51 -2.94
N VAL D 34 26.93 32.53 -2.36
CA VAL D 34 25.73 32.31 -1.55
C VAL D 34 24.51 32.55 -2.43
N VAL D 35 23.65 31.52 -2.53
CA VAL D 35 22.43 31.56 -3.32
C VAL D 35 21.22 31.43 -2.39
N TYR D 36 20.32 32.40 -2.47
CA TYR D 36 19.12 32.43 -1.63
C TYR D 36 17.83 32.59 -2.47
N LYS D 37 16.69 32.59 -1.79
CA LYS D 37 15.38 32.89 -2.39
C LYS D 37 14.79 34.14 -1.74
N THR D 38 14.79 34.18 -0.40
CA THR D 38 14.46 35.40 0.35
C THR D 38 15.67 35.87 1.16
N ASP D 39 15.54 36.97 1.91
CA ASP D 39 16.69 37.55 2.63
C ASP D 39 16.78 37.01 4.07
N GLY D 40 16.54 35.71 4.24
CA GLY D 40 16.34 35.06 5.52
C GLY D 40 17.43 35.23 6.54
N HIS D 41 18.52 34.48 6.40
CA HIS D 41 19.64 34.57 7.33
C HIS D 41 20.91 34.86 6.55
N VAL D 42 20.76 35.64 5.48
CA VAL D 42 21.82 35.81 4.49
C VAL D 42 22.92 36.76 4.96
N LYS D 43 22.54 37.81 5.70
CA LYS D 43 23.53 38.69 6.33
C LYS D 43 24.44 37.93 7.31
N ARG D 44 23.85 37.05 8.11
CA ARG D 44 24.60 36.26 9.10
C ARG D 44 25.49 35.23 8.39
N ILE D 45 25.09 34.79 7.20
CA ILE D 45 25.88 33.85 6.41
C ILE D 45 27.05 34.55 5.70
N GLU D 46 26.81 35.77 5.20
CA GLU D 46 27.88 36.62 4.65
C GLU D 46 29.01 36.82 5.68
N GLU D 47 28.62 36.97 6.94
CA GLU D 47 29.54 37.25 8.03
C GLU D 47 30.32 36.02 8.47
N ALA D 48 29.74 34.83 8.33
CA ALA D 48 30.43 33.59 8.64
C ALA D 48 31.53 33.34 7.61
N LEU D 49 31.20 33.56 6.34
CA LEU D 49 32.18 33.40 5.26
C LEU D 49 33.23 34.51 5.30
N LYS D 50 32.88 35.63 5.92
CA LYS D 50 33.80 36.76 6.11
C LYS D 50 34.88 36.43 7.15
N ARG D 51 34.49 35.71 8.21
CA ARG D 51 35.41 35.27 9.25
C ARG D 51 36.27 34.11 8.79
N LEU D 52 35.87 33.42 7.74
CA LEU D 52 36.68 32.32 7.19
C LEU D 52 37.56 32.79 6.02
N GLU D 53 37.70 34.11 5.84
CA GLU D 53 38.53 34.68 4.76
C GLU D 53 38.12 34.09 3.40
N VAL D 54 36.84 34.24 3.07
CA VAL D 54 36.29 33.74 1.81
C VAL D 54 35.52 34.87 1.15
N GLU D 55 35.94 35.30 -0.05
CA GLU D 55 35.28 36.42 -0.74
C GLU D 55 33.90 35.94 -1.23
N VAL D 56 32.83 36.65 -0.86
CA VAL D 56 31.48 36.20 -1.20
C VAL D 56 30.75 37.10 -2.20
N GLU D 57 30.07 36.46 -3.14
CA GLU D 57 29.16 37.11 -4.07
C GLU D 57 27.77 36.53 -3.81
N LEU D 58 26.74 37.37 -3.85
CA LEU D 58 25.39 36.96 -3.52
C LEU D 58 24.59 36.69 -4.80
N PHE D 59 23.58 35.82 -4.70
CA PHE D 59 22.80 35.41 -5.87
C PHE D 59 21.31 35.39 -5.60
N ASN D 60 20.62 36.37 -6.17
CA ASN D 60 19.16 36.45 -6.17
C ASN D 60 18.53 35.15 -6.62
N GLN D 61 19.17 34.50 -7.59
CA GLN D 61 18.79 33.15 -8.04
C GLN D 61 19.93 32.46 -8.82
N PRO D 62 19.75 31.21 -9.21
CA PRO D 62 20.86 30.44 -9.80
C PRO D 62 21.18 30.84 -11.24
N SER D 63 22.46 30.87 -11.58
CA SER D 63 22.94 31.15 -12.93
C SER D 63 23.93 30.06 -13.36
N GLU D 64 24.17 29.93 -14.66
CA GLU D 64 25.29 29.12 -15.16
C GLU D 64 26.58 29.60 -14.49
N GLU D 65 26.57 30.89 -14.15
CA GLU D 65 27.68 31.61 -13.52
C GLU D 65 28.26 30.91 -12.29
N LEU D 66 27.42 30.16 -11.57
CA LEU D 66 27.85 29.44 -10.36
C LEU D 66 28.93 28.36 -10.57
N GLU D 67 29.30 28.10 -11.83
CA GLU D 67 30.35 27.12 -12.15
C GLU D 67 31.73 27.59 -11.75
N ASN D 68 31.93 28.91 -11.68
CA ASN D 68 33.25 29.50 -11.40
C ASN D 68 33.51 29.79 -9.94
N PHE D 69 33.20 28.83 -9.06
CA PHE D 69 33.41 28.99 -7.63
C PHE D 69 33.96 27.71 -7.01
N ASP D 70 34.65 27.87 -5.89
CA ASP D 70 35.25 26.74 -5.17
C ASP D 70 34.19 25.95 -4.39
N PHE D 71 33.18 26.65 -3.86
CA PHE D 71 31.99 26.01 -3.30
C PHE D 71 30.77 26.94 -3.30
N ILE D 72 29.63 26.41 -2.86
CA ILE D 72 28.34 27.10 -2.90
C ILE D 72 27.54 26.88 -1.61
N VAL D 73 26.83 27.91 -1.17
CA VAL D 73 25.97 27.82 -0.01
C VAL D 73 24.55 28.19 -0.39
N SER D 74 23.77 27.15 -0.68
CA SER D 74 22.32 27.25 -0.89
C SER D 74 21.63 27.59 0.42
N VAL D 75 20.65 28.49 0.37
CA VAL D 75 19.92 28.93 1.56
C VAL D 75 18.41 28.86 1.33
N GLY D 76 17.77 27.77 1.76
CA GLY D 76 16.33 27.59 1.65
C GLY D 76 15.81 26.18 1.92
N GLY D 77 16.14 25.25 1.04
CA GLY D 77 15.63 23.89 1.14
C GLY D 77 16.13 22.94 0.06
N ASP D 78 15.69 21.69 0.12
CA ASP D 78 15.99 20.73 -0.94
C ASP D 78 15.65 21.32 -2.32
N GLY D 79 14.53 22.04 -2.41
CA GLY D 79 14.07 22.59 -3.66
C GLY D 79 14.98 23.67 -4.21
N THR D 80 15.57 24.44 -3.31
CA THR D 80 16.56 25.45 -3.70
C THR D 80 17.81 24.81 -4.32
N ILE D 81 18.20 23.67 -3.77
CA ILE D 81 19.36 22.91 -4.22
C ILE D 81 19.15 22.27 -5.60
N LEU D 82 17.92 21.82 -5.87
CA LEU D 82 17.60 21.26 -7.17
C LEU D 82 17.72 22.34 -8.23
N ARG D 83 17.29 23.55 -7.89
CA ARG D 83 17.31 24.67 -8.82
C ARG D 83 18.75 25.06 -9.18
N ILE D 84 19.64 25.04 -8.19
CA ILE D 84 21.04 25.35 -8.39
C ILE D 84 21.62 24.34 -9.35
N LEU D 85 21.38 23.07 -9.02
CA LEU D 85 21.92 21.94 -9.77
C LEU D 85 21.47 21.94 -11.23
N GLN D 86 20.32 22.52 -11.53
CA GLN D 86 19.84 22.55 -12.90
C GLN D 86 20.75 23.39 -13.76
N LYS D 87 21.35 24.44 -13.20
CA LYS D 87 22.24 25.35 -13.95
C LYS D 87 23.72 24.90 -14.00
N LEU D 88 23.98 23.66 -13.56
CA LEU D 88 25.35 23.15 -13.38
C LEU D 88 25.61 21.85 -14.13
N LYS D 89 26.68 21.84 -14.93
CA LYS D 89 27.18 20.60 -15.52
C LYS D 89 28.20 20.04 -14.54
N ARG D 90 29.38 20.65 -14.49
CA ARG D 90 30.38 20.29 -13.49
C ARG D 90 30.02 21.03 -12.20
N CYS D 91 29.82 20.26 -11.13
CA CYS D 91 29.30 20.81 -9.88
C CYS D 91 30.37 21.04 -8.77
N PRO D 92 30.58 22.29 -8.36
CA PRO D 92 31.36 22.57 -7.16
C PRO D 92 30.56 22.24 -5.90
N PRO D 93 31.25 21.77 -4.86
CA PRO D 93 30.64 21.54 -3.55
C PRO D 93 29.49 22.47 -3.16
N ILE D 94 28.38 21.88 -2.71
CA ILE D 94 27.24 22.60 -2.20
C ILE D 94 27.05 22.34 -0.70
N PHE D 95 26.77 23.42 0.03
CA PHE D 95 26.49 23.36 1.45
C PHE D 95 25.10 23.97 1.66
N GLY D 96 24.09 23.13 1.82
CA GLY D 96 22.75 23.59 2.03
C GLY D 96 22.45 23.95 3.48
N ILE D 97 21.87 25.13 3.68
CA ILE D 97 21.28 25.52 4.95
C ILE D 97 19.74 25.46 4.83
N ASN D 98 19.10 24.52 5.51
CA ASN D 98 17.65 24.45 5.53
C ASN D 98 17.05 25.47 6.51
N THR D 99 16.44 26.51 5.96
CA THR D 99 15.68 27.48 6.74
C THR D 99 14.24 27.03 6.97
N GLY D 100 13.84 25.94 6.30
CA GLY D 100 12.49 25.42 6.43
C GLY D 100 12.34 24.46 7.59
N ARG D 101 11.87 23.25 7.27
CA ARG D 101 11.39 22.30 8.26
C ARG D 101 12.17 20.98 8.25
N VAL D 102 12.39 20.42 7.05
CA VAL D 102 13.12 19.17 6.87
C VAL D 102 13.78 19.17 5.49
N GLY D 103 15.06 18.80 5.44
CA GLY D 103 15.81 18.79 4.21
C GLY D 103 16.71 17.57 4.11
N LEU D 104 16.41 16.67 3.17
CA LEU D 104 17.23 15.49 2.94
C LEU D 104 18.63 15.86 2.43
N LEU D 105 18.68 16.94 1.65
CA LEU D 105 19.87 17.34 0.90
C LEU D 105 20.75 18.32 1.64
N THR D 106 20.22 18.94 2.70
CA THR D 106 20.90 20.01 3.43
C THR D 106 21.67 19.59 4.69
N HIS D 107 22.61 20.44 5.09
CA HIS D 107 23.55 20.19 6.20
C HIS D 107 23.17 20.82 7.55
N ALA D 108 22.59 22.01 7.55
CA ALA D 108 22.41 22.75 8.79
C ALA D 108 21.18 23.65 8.87
N SER D 109 20.91 24.13 10.07
CA SER D 109 19.82 25.07 10.33
C SER D 109 20.41 26.44 10.72
N PRO D 110 19.58 27.48 10.77
CA PRO D 110 20.00 28.78 11.29
C PRO D 110 20.76 28.74 12.63
N GLU D 111 20.37 27.82 13.52
CA GLU D 111 21.02 27.69 14.84
C GLU D 111 22.48 27.33 14.68
N ASN D 112 22.72 26.21 13.99
CA ASN D 112 24.03 25.57 13.92
C ASN D 112 24.70 25.58 12.53
N PHE D 113 24.42 26.60 11.73
CA PHE D 113 25.07 26.68 10.43
C PHE D 113 26.51 27.16 10.61
N GLU D 114 26.73 28.03 11.60
CA GLU D 114 28.04 28.64 11.84
C GLU D 114 29.06 27.55 12.16
N VAL D 115 28.68 26.72 13.13
CA VAL D 115 29.51 25.60 13.57
C VAL D 115 29.87 24.75 12.35
N GLU D 116 28.86 24.26 11.66
CA GLU D 116 29.05 23.23 10.63
C GLU D 116 29.67 23.77 9.34
N LEU D 117 29.44 25.04 9.04
CA LEU D 117 29.99 25.64 7.83
C LEU D 117 31.50 25.68 7.98
N LYS D 118 31.96 26.16 9.13
CA LYS D 118 33.39 26.22 9.46
C LYS D 118 34.05 24.82 9.43
N LYS D 119 33.39 23.85 10.07
CA LYS D 119 33.94 22.49 10.20
C LYS D 119 34.27 21.94 8.81
N ALA D 120 33.31 22.02 7.90
CA ALA D 120 33.39 21.32 6.62
C ALA D 120 34.22 22.08 5.59
N VAL D 121 34.36 23.39 5.75
CA VAL D 121 35.11 24.17 4.77
C VAL D 121 36.60 23.87 4.89
N GLU D 122 37.08 23.77 6.12
CA GLU D 122 38.49 23.47 6.37
C GLU D 122 38.84 21.99 6.12
N LYS D 123 37.88 21.09 6.36
CA LYS D 123 38.05 19.67 6.03
C LYS D 123 37.97 19.40 4.52
N PHE D 124 37.15 20.19 3.82
CA PHE D 124 36.86 20.05 2.38
C PHE D 124 36.73 18.61 1.84
N GLU D 125 36.05 17.74 2.59
CA GLU D 125 35.67 16.41 2.10
C GLU D 125 34.44 16.59 1.23
N VAL D 126 34.21 15.64 0.33
CA VAL D 126 33.17 15.78 -0.70
C VAL D 126 32.52 14.44 -1.16
N GLU D 127 31.19 14.41 -1.22
CA GLU D 127 30.43 13.27 -1.72
C GLU D 127 29.87 13.51 -3.13
N ARG D 128 29.71 12.44 -3.89
CA ARG D 128 29.21 12.51 -5.26
C ARG D 128 28.04 11.56 -5.48
N PHE D 129 26.82 12.08 -5.48
CA PHE D 129 25.62 11.30 -5.85
C PHE D 129 25.26 11.59 -7.31
N PRO D 130 24.84 10.59 -8.08
CA PRO D 130 24.73 10.76 -9.53
C PRO D 130 23.44 11.46 -9.95
N ARG D 131 23.53 12.12 -11.09
CA ARG D 131 22.40 12.75 -11.74
C ARG D 131 22.14 12.04 -13.06
N VAL D 132 20.96 12.28 -13.64
CA VAL D 132 20.48 11.41 -14.71
C VAL D 132 19.98 12.23 -15.90
N SER D 133 20.42 11.86 -17.10
CA SER D 133 20.02 12.53 -18.34
C SER D 133 18.86 11.79 -19.01
N CYS D 134 18.07 12.53 -19.78
CA CYS D 134 16.92 11.98 -20.48
C CYS D 134 17.02 12.39 -21.94
N SER D 135 16.44 11.57 -22.81
CA SER D 135 16.71 11.65 -24.26
C SER D 135 15.74 12.54 -25.00
N ALA D 136 15.25 13.58 -24.34
CA ALA D 136 14.27 14.49 -24.93
C ALA D 136 14.60 15.94 -24.62
N MET D 137 15.17 16.18 -23.45
CA MET D 137 15.72 17.48 -23.08
C MET D 137 17.15 17.18 -22.72
N PRO D 138 18.02 17.09 -23.73
CA PRO D 138 19.25 16.29 -23.61
C PRO D 138 20.29 16.83 -22.61
N ASP D 139 20.47 18.16 -22.55
CA ASP D 139 21.49 18.75 -21.65
C ASP D 139 20.97 19.15 -20.25
N VAL D 140 19.88 18.52 -19.80
CA VAL D 140 19.36 18.78 -18.46
C VAL D 140 19.60 17.55 -17.58
N LEU D 141 19.68 17.79 -16.27
CA LEU D 141 20.10 16.79 -15.30
C LEU D 141 19.24 16.75 -14.05
N ALA D 142 18.90 15.53 -13.64
CA ALA D 142 17.97 15.31 -12.54
C ALA D 142 18.63 14.48 -11.47
N LEU D 143 18.67 15.01 -10.24
CA LEU D 143 19.15 14.28 -9.06
C LEU D 143 18.09 13.33 -8.54
N ASN D 144 16.88 13.86 -8.44
CA ASN D 144 15.71 13.13 -7.93
C ASN D 144 15.12 12.13 -8.93
N GLU D 145 14.51 12.62 -10.01
CA GLU D 145 13.88 11.75 -11.00
C GLU D 145 13.62 12.39 -12.38
N ILE D 146 13.17 11.54 -13.30
CA ILE D 146 12.54 11.97 -14.54
C ILE D 146 11.13 11.41 -14.49
N ALA D 147 10.16 12.29 -14.31
CA ALA D 147 8.77 11.86 -14.26
C ALA D 147 8.16 12.01 -15.65
N VAL D 148 7.49 10.96 -16.12
CA VAL D 148 6.70 11.01 -17.34
C VAL D 148 5.22 11.10 -16.97
N LEU D 149 4.63 12.27 -17.19
CA LEU D 149 3.25 12.57 -16.79
C LEU D 149 2.29 12.65 -17.96
N SER D 150 1.00 12.63 -17.65
CA SER D 150 -0.06 12.95 -18.60
C SER D 150 0.02 14.42 -18.96
N ARG D 151 -0.27 14.75 -20.21
CA ARG D 151 -0.15 16.11 -20.71
C ARG D 151 -1.28 16.99 -20.19
N LYS D 152 -2.51 16.52 -20.41
CA LYS D 152 -3.68 17.13 -19.77
C LYS D 152 -3.81 16.48 -18.40
N PRO D 153 -4.48 17.14 -17.46
CA PRO D 153 -4.73 16.56 -16.14
C PRO D 153 -6.09 15.83 -16.07
N ALA D 154 -6.17 14.88 -15.13
CA ALA D 154 -7.36 14.02 -14.93
C ALA D 154 -7.61 13.06 -16.09
N LYS D 155 -6.61 12.95 -16.96
CA LYS D 155 -6.55 11.92 -18.01
C LYS D 155 -5.33 11.06 -17.71
N MET D 156 -5.50 9.75 -17.81
CA MET D 156 -4.40 8.82 -17.61
C MET D 156 -3.76 8.51 -18.97
N ILE D 157 -2.43 8.38 -18.98
CA ILE D 157 -1.69 7.94 -20.16
C ILE D 157 -1.52 6.42 -20.12
N ASP D 158 -0.55 5.90 -20.86
CA ASP D 158 -0.47 4.47 -21.16
C ASP D 158 1.01 4.16 -21.39
N VAL D 159 1.74 4.07 -20.28
CA VAL D 159 3.20 3.98 -20.29
C VAL D 159 3.66 2.54 -20.46
N ALA D 160 4.58 2.34 -21.41
CA ALA D 160 5.23 1.06 -21.61
C ALA D 160 6.67 1.19 -21.13
N LEU D 161 7.07 0.31 -20.22
CA LEU D 161 8.40 0.37 -19.61
C LEU D 161 9.30 -0.75 -20.08
N ARG D 162 10.54 -0.39 -20.38
CA ARG D 162 11.53 -1.33 -20.81
C ARG D 162 12.88 -0.96 -20.23
N VAL D 163 13.74 -1.97 -20.05
CA VAL D 163 15.07 -1.76 -19.51
C VAL D 163 16.06 -2.80 -20.02
N ASP D 164 17.09 -2.31 -20.70
CA ASP D 164 18.02 -3.13 -21.47
C ASP D 164 17.27 -4.00 -22.49
N GLY D 165 16.24 -3.43 -23.11
CA GLY D 165 15.47 -4.08 -24.17
C GLY D 165 14.38 -5.05 -23.76
N VAL D 166 13.87 -4.93 -22.54
CA VAL D 166 13.03 -5.98 -21.97
C VAL D 166 11.68 -5.44 -21.60
N GLU D 167 10.61 -6.15 -21.98
CA GLU D 167 9.25 -5.72 -21.66
C GLU D 167 8.95 -5.97 -20.18
N VAL D 168 9.24 -5.01 -19.30
CA VAL D 168 9.03 -5.20 -17.86
C VAL D 168 7.61 -4.84 -17.40
N ASP D 169 6.94 -3.98 -18.16
CA ASP D 169 5.55 -3.63 -17.87
C ASP D 169 4.83 -2.87 -18.98
N ARG D 170 3.51 -2.82 -18.87
CA ARG D 170 2.62 -2.07 -19.77
C ARG D 170 1.38 -1.73 -18.95
N ILE D 171 1.19 -0.44 -18.64
CA ILE D 171 0.24 -0.06 -17.61
C ILE D 171 -0.38 1.32 -17.84
N ARG D 172 -1.71 1.39 -17.73
CA ARG D 172 -2.43 2.66 -17.76
C ARG D 172 -2.30 3.35 -16.40
N CYS D 173 -1.88 4.62 -16.39
CA CYS D 173 -1.61 5.36 -15.16
C CYS D 173 -1.54 6.88 -15.36
N ASP D 174 -1.64 7.66 -14.29
CA ASP D 174 -1.45 9.12 -14.34
C ASP D 174 -0.03 9.54 -14.77
N GLY D 175 0.95 8.67 -14.49
CA GLY D 175 2.33 8.94 -14.86
C GLY D 175 3.30 7.86 -14.39
N PHE D 176 4.59 8.07 -14.62
CA PHE D 176 5.59 7.08 -14.24
C PHE D 176 6.91 7.70 -13.83
N ILE D 177 7.35 7.38 -12.62
CA ILE D 177 8.58 7.90 -12.07
C ILE D 177 9.76 6.98 -12.37
N VAL D 178 10.80 7.53 -13.00
CA VAL D 178 12.10 6.89 -13.01
C VAL D 178 13.02 7.66 -12.03
N ALA D 179 13.06 7.21 -10.78
CA ALA D 179 13.75 7.90 -9.68
C ALA D 179 15.09 7.27 -9.31
N THR D 180 15.96 8.05 -8.67
CA THR D 180 17.17 7.50 -8.05
C THR D 180 16.93 7.36 -6.54
N GLN D 181 17.87 6.74 -5.87
CA GLN D 181 17.79 6.59 -4.41
C GLN D 181 17.66 7.91 -3.65
N ILE D 182 18.19 9.00 -4.23
CA ILE D 182 18.18 10.28 -3.56
C ILE D 182 16.78 10.84 -3.65
N GLY D 183 16.16 10.65 -4.80
CA GLY D 183 14.76 10.99 -5.00
C GLY D 183 13.77 9.89 -4.66
N SER D 184 14.13 8.97 -3.78
CA SER D 184 13.23 7.93 -3.29
C SER D 184 12.42 8.40 -2.09
N THR D 185 12.79 9.57 -1.56
CA THR D 185 12.04 10.24 -0.51
C THR D 185 11.33 11.46 -1.11
N GLY D 186 11.16 11.44 -2.40
CA GLY D 186 10.45 12.51 -3.08
C GLY D 186 9.12 12.03 -3.63
N TYR D 187 8.97 12.28 -4.94
CA TYR D 187 7.73 11.99 -5.70
C TYR D 187 7.42 10.50 -5.65
N ALA D 188 8.48 9.70 -5.79
CA ALA D 188 8.43 8.23 -5.68
C ALA D 188 7.94 7.75 -4.32
N PHE D 189 8.40 8.39 -3.25
CA PHE D 189 7.85 8.17 -1.89
C PHE D 189 6.32 8.34 -1.90
N SER D 190 5.83 9.43 -2.44
CA SER D 190 4.39 9.66 -2.49
C SER D 190 3.62 8.62 -3.30
N ALA D 191 4.25 8.08 -4.34
CA ALA D 191 3.62 7.13 -5.26
C ALA D 191 3.46 5.74 -4.66
N GLY D 192 4.19 5.49 -3.57
CA GLY D 192 4.11 4.27 -2.80
C GLY D 192 5.43 3.54 -2.70
N GLY D 193 6.54 4.28 -2.79
CA GLY D 193 7.84 3.70 -3.06
C GLY D 193 8.64 3.48 -1.80
N PRO D 194 9.67 2.63 -1.89
CA PRO D 194 10.53 2.32 -0.74
C PRO D 194 11.54 3.42 -0.46
N VAL D 195 11.91 3.58 0.82
CA VAL D 195 12.98 4.50 1.19
C VAL D 195 14.28 3.85 0.88
N VAL D 196 15.14 4.50 0.10
CA VAL D 196 16.47 3.97 -0.19
C VAL D 196 17.59 4.90 0.31
N GLU D 197 18.37 4.34 1.24
CA GLU D 197 19.67 4.82 1.64
C GLU D 197 20.33 5.60 0.51
N PRO D 198 20.92 6.75 0.81
CA PRO D 198 21.51 7.59 -0.25
C PRO D 198 22.78 7.03 -0.92
N TYR D 199 23.33 5.94 -0.40
CA TYR D 199 24.60 5.41 -0.88
C TYR D 199 24.42 4.07 -1.60
N LEU D 200 23.18 3.67 -1.86
CA LEU D 200 22.90 2.48 -2.64
C LEU D 200 22.39 2.97 -3.99
N GLU D 201 23.26 3.01 -4.98
CA GLU D 201 22.93 3.52 -6.32
C GLU D 201 21.99 2.59 -7.07
N CYS D 202 20.84 3.13 -7.52
CA CYS D 202 19.83 2.32 -8.16
C CYS D 202 18.66 3.13 -8.62
N PHE D 203 18.08 2.71 -9.73
CA PHE D 203 16.84 3.29 -10.21
C PHE D 203 15.66 2.73 -9.45
N ILE D 204 14.51 3.38 -9.65
CA ILE D 204 13.26 3.05 -8.97
C ILE D 204 12.12 3.32 -9.94
N LEU D 205 11.32 2.31 -10.23
CA LEU D 205 10.38 2.39 -11.33
C LEU D 205 8.97 2.12 -10.80
N ILE D 206 8.30 3.22 -10.44
CA ILE D 206 6.99 3.17 -9.80
C ILE D 206 6.02 4.07 -10.59
N PRO D 207 4.76 3.65 -10.77
CA PRO D 207 3.73 4.52 -11.38
C PRO D 207 2.91 5.31 -10.38
N ILE D 208 2.27 6.33 -10.89
CA ILE D 208 1.34 7.14 -10.13
C ILE D 208 -0.04 6.68 -10.53
N ALA D 209 -0.87 6.30 -9.56
CA ALA D 209 -2.26 5.96 -9.83
C ALA D 209 -2.44 4.95 -10.97
N PRO D 210 -1.86 3.78 -10.82
CA PRO D 210 -1.99 2.74 -11.84
C PRO D 210 -3.36 2.12 -11.80
N PHE D 211 -4.02 2.02 -12.95
CA PHE D 211 -5.29 1.31 -13.07
C PHE D 211 -5.02 -0.16 -13.38
N ARG D 212 -4.74 -0.92 -12.33
CA ARG D 212 -4.54 -2.36 -12.43
C ARG D 212 -4.56 -3.05 -11.07
N PHE D 213 -5.34 -4.11 -10.98
CA PHE D 213 -5.33 -4.97 -9.82
C PHE D 213 -3.97 -5.63 -9.76
N GLY D 214 -3.05 -5.06 -8.99
CA GLY D 214 -1.71 -5.60 -8.84
C GLY D 214 -0.63 -4.82 -9.58
N TRP D 215 0.17 -4.07 -8.83
CA TRP D 215 1.40 -3.46 -9.34
C TRP D 215 2.44 -3.50 -8.21
N LYS D 216 3.67 -3.11 -8.54
CA LYS D 216 4.77 -3.14 -7.58
C LYS D 216 5.90 -2.25 -8.08
N PRO D 217 6.53 -1.46 -7.22
CA PRO D 217 7.71 -0.69 -7.62
C PRO D 217 8.93 -1.60 -7.85
N TYR D 218 9.66 -1.37 -8.94
CA TYR D 218 10.85 -2.18 -9.24
C TYR D 218 12.12 -1.39 -8.93
N VAL D 219 13.07 -2.02 -8.28
CA VAL D 219 14.33 -1.37 -7.98
C VAL D 219 15.42 -2.13 -8.75
N VAL D 220 16.01 -1.46 -9.74
CA VAL D 220 17.04 -2.06 -10.59
C VAL D 220 18.31 -1.24 -10.54
N SER D 221 19.41 -1.81 -11.02
CA SER D 221 20.73 -1.17 -11.09
C SER D 221 20.70 0.12 -11.92
N MET D 222 21.51 1.11 -11.55
CA MET D 222 21.57 2.36 -12.30
C MET D 222 22.45 2.26 -13.54
N GLU D 223 23.18 1.16 -13.70
CA GLU D 223 23.95 0.92 -14.93
C GLU D 223 23.04 0.47 -16.09
N ARG D 224 21.77 0.22 -15.81
CA ARG D 224 20.84 -0.26 -16.83
C ARG D 224 20.21 0.92 -17.58
N LYS D 225 19.65 0.63 -18.75
CA LYS D 225 19.09 1.62 -19.65
C LYS D 225 17.58 1.60 -19.52
N ILE D 226 17.03 2.65 -18.92
CA ILE D 226 15.58 2.82 -18.83
C ILE D 226 15.06 3.38 -20.15
N GLU D 227 13.83 2.99 -20.49
CA GLU D 227 13.17 3.39 -21.74
C GLU D 227 11.66 3.41 -21.54
N VAL D 228 11.05 4.56 -21.77
CA VAL D 228 9.61 4.75 -21.55
C VAL D 228 8.93 5.12 -22.85
N ILE D 229 7.77 4.54 -23.14
CA ILE D 229 7.06 4.80 -24.39
C ILE D 229 5.66 5.26 -24.08
N ALA D 230 5.43 6.56 -24.21
CA ALA D 230 4.13 7.13 -23.91
C ALA D 230 3.56 7.81 -25.11
N GLU D 231 2.30 8.19 -24.97
CA GLU D 231 1.64 9.05 -25.94
C GLU D 231 0.92 10.15 -25.15
N LYS D 232 0.74 11.32 -25.78
CA LYS D 232 0.02 12.44 -25.17
C LYS D 232 0.58 12.75 -23.78
N ALA D 233 1.92 12.85 -23.72
CA ALA D 233 2.65 12.90 -22.45
C ALA D 233 3.56 14.13 -22.31
N ILE D 234 4.27 14.19 -21.18
CA ILE D 234 5.22 15.25 -20.90
C ILE D 234 6.29 14.66 -19.98
N VAL D 235 7.53 15.12 -20.12
CA VAL D 235 8.65 14.65 -19.30
C VAL D 235 9.09 15.77 -18.38
N VAL D 236 9.33 15.46 -17.11
CA VAL D 236 9.77 16.46 -16.13
C VAL D 236 11.00 15.98 -15.36
N ALA D 237 11.84 16.92 -14.97
CA ALA D 237 13.13 16.61 -14.37
C ALA D 237 13.36 17.42 -13.11
N ASP D 238 13.30 16.75 -11.96
CA ASP D 238 13.40 17.39 -10.65
C ASP D 238 12.36 18.51 -10.48
N GLY D 239 11.20 18.34 -11.12
CA GLY D 239 10.09 19.28 -11.01
C GLY D 239 10.33 20.65 -11.60
N GLN D 240 11.41 20.81 -12.38
CA GLN D 240 11.81 22.12 -12.90
C GLN D 240 11.56 22.23 -14.42
N LYS D 241 12.46 21.68 -15.25
CA LYS D 241 12.37 21.83 -16.71
C LYS D 241 11.57 20.67 -17.27
N SER D 242 10.67 20.96 -18.20
CA SER D 242 9.78 19.95 -18.76
C SER D 242 9.41 20.27 -20.18
N VAL D 243 9.31 19.25 -21.03
CA VAL D 243 8.88 19.41 -22.42
C VAL D 243 7.96 18.31 -22.92
N ASP D 244 6.93 18.68 -23.68
CA ASP D 244 6.03 17.74 -24.37
C ASP D 244 6.83 16.66 -25.09
N PHE D 245 6.35 15.42 -25.06
CA PHE D 245 6.93 14.36 -25.89
C PHE D 245 5.91 13.32 -26.38
N ASP D 246 6.14 12.86 -27.61
CA ASP D 246 5.25 11.94 -28.30
C ASP D 246 6.05 10.85 -28.99
N GLY D 247 6.25 9.74 -28.29
CA GLY D 247 6.97 8.60 -28.82
C GLY D 247 7.63 7.80 -27.71
N GLU D 248 8.96 7.93 -27.59
CA GLU D 248 9.74 7.04 -26.76
C GLU D 248 11.05 7.70 -26.30
N ILE D 249 11.30 7.68 -25.00
CA ILE D 249 12.48 8.32 -24.41
C ILE D 249 13.40 7.31 -23.69
N THR D 250 14.56 7.79 -23.30
CA THR D 250 15.63 6.96 -22.81
C THR D 250 16.32 7.65 -21.64
N ILE D 251 16.19 7.05 -20.45
CA ILE D 251 16.81 7.62 -19.25
C ILE D 251 18.05 6.79 -18.88
N GLU D 252 19.16 7.48 -18.58
CA GLU D 252 20.43 6.80 -18.30
C GLU D 252 21.42 7.65 -17.49
N LYS D 253 22.18 6.99 -16.62
CA LYS D 253 23.16 7.63 -15.72
C LYS D 253 24.15 8.53 -16.44
N SER D 254 24.23 9.80 -16.03
CA SER D 254 25.01 10.82 -16.74
C SER D 254 26.49 10.89 -16.34
N GLU D 255 27.23 11.77 -17.00
CA GLU D 255 28.67 11.92 -16.82
C GLU D 255 29.04 12.83 -15.61
N PHE D 256 28.17 13.78 -15.26
CA PHE D 256 28.48 14.80 -14.25
C PHE D 256 27.48 14.72 -13.11
N PRO D 257 27.92 14.33 -11.92
CA PRO D 257 27.03 14.17 -10.77
C PRO D 257 26.85 15.46 -9.95
N ALA D 258 25.97 15.36 -8.95
CA ALA D 258 25.86 16.36 -7.90
C ALA D 258 26.98 16.21 -6.90
N VAL D 259 27.44 17.33 -6.35
CA VAL D 259 28.56 17.33 -5.40
C VAL D 259 28.21 18.16 -4.18
N PHE D 260 28.20 17.51 -3.02
CA PHE D 260 27.99 18.14 -1.72
C PHE D 260 29.19 17.88 -0.83
N PHE D 261 29.40 18.74 0.17
CA PHE D 261 30.35 18.44 1.24
C PHE D 261 29.85 17.18 1.95
N LYS D 262 30.75 16.40 2.56
CA LYS D 262 30.38 15.14 3.20
C LYS D 262 29.52 15.34 4.47
N ASN D 263 28.32 14.74 4.47
CA ASN D 263 27.48 14.66 5.67
C ASN D 263 27.76 13.37 6.46
N GLU D 264 28.55 13.51 7.54
CA GLU D 264 28.85 12.36 8.42
C GLU D 264 27.57 11.72 8.99
N LYS D 265 26.50 12.52 9.10
CA LYS D 265 25.23 12.08 9.69
C LYS D 265 24.09 11.93 8.65
N ARG D 266 24.46 11.74 7.38
CA ARG D 266 23.51 11.57 6.28
C ARG D 266 22.65 10.34 6.53
N PHE D 267 23.30 9.20 6.76
CA PHE D 267 22.59 7.94 6.99
C PHE D 267 21.74 8.01 8.25
N ARG D 268 22.37 8.41 9.36
CA ARG D 268 21.69 8.50 10.67
C ARG D 268 20.41 9.36 10.58
N ASN D 269 20.52 10.56 10.04
CA ASN D 269 19.37 11.47 9.94
C ASN D 269 18.33 11.07 8.88
N LEU D 270 18.62 10.08 8.04
CA LEU D 270 17.71 9.67 6.97
C LEU D 270 16.37 9.28 7.52
N PHE D 271 16.34 8.60 8.65
CA PHE D 271 15.14 7.92 9.09
C PHE D 271 14.17 8.81 9.87
N GLY D 272 14.70 9.72 10.69
CA GLY D 272 13.87 10.68 11.41
C GLY D 272 13.32 11.80 10.54
N LYS D 273 13.93 12.00 9.38
CA LYS D 273 13.53 13.04 8.43
C LYS D 273 12.42 12.56 7.52
N VAL D 274 12.57 11.34 7.06
CA VAL D 274 11.54 10.63 6.35
C VAL D 274 10.25 10.53 7.21
N ARG D 275 10.39 10.37 8.52
CA ARG D 275 9.22 10.18 9.37
C ARG D 275 8.41 11.47 9.58
N SER D 276 9.01 12.60 9.22
CA SER D 276 8.35 13.88 9.31
C SER D 276 8.26 14.54 7.92
N ILE D 277 8.08 13.73 6.88
CA ILE D 277 7.83 14.24 5.55
C ILE D 277 6.36 14.59 5.57
N GLY D 278 6.05 15.80 5.11
CA GLY D 278 4.69 16.32 5.07
C GLY D 278 4.55 17.46 4.06
#